data_2Z8D
#
_entry.id   2Z8D
#
_cell.length_a   106.326
_cell.length_b   143.551
_cell.length_c   114.644
_cell.angle_alpha   90.00
_cell.angle_beta   90.00
_cell.angle_gamma   90.00
#
_symmetry.space_group_name_H-M   'C 2 2 21'
#
loop_
_entity.id
_entity.type
_entity.pdbx_description
1 polymer 'Galacto-N-biose/lacto-N-biose I transporter substrate-binding protein'
2 branched beta-D-galactopyranose-(1-3)-2-acetamido-2-deoxy-beta-D-glucopyranose
3 non-polymer 'ZINC ION'
4 non-polymer '2-(N-MORPHOLINO)-ETHANESULFONIC ACID'
5 water water
#
_entity_poly.entity_id   1
_entity_poly.type   'polypeptide(L)'
_entity_poly.pdbx_seq_one_letter_code
;MDTAGDTKTTDDGGVVNITYMHRLPDSEGMTLVNDIVAKWNKQHPDIQVKATKFDGKASDMIKKLETDVKSGEAPDLAQV
GYAELPEVFTKGLLQDVTQYAEQYKNDFASGPYSLVQVGGKAYGLPQDTGPLVYFYNKAEFEKLGITEIPQTADEFIAAA
KTAAAAGKYIMSYQPDEAGNMISGLAGASGGWYKVKGDSWVVNTETDGSKATADFYQQLLDAKAATTNPRWDPSFDASIK
DGSLIGTVAAAWEAPLFMTSSGGTGSGEWQVAQLGDWFGNAGKTGPDGGSAVAVLKNSKHPKEAMEFLDWFNTQVPDLVS
QGLVPAATTEDAETPSEWSTFFGGQDIMKEFKTANNNMGDFTYMPGFSAVAAKMNETAAKATDGSGKVADIFSDAQTTSV
DTLKNFGLSVSE
;
_entity_poly.pdbx_strand_id   A,B
#
loop_
_chem_comp.id
_chem_comp.type
_chem_comp.name
_chem_comp.formula
GAL D-saccharide, beta linking beta-D-galactopyranose 'C6 H12 O6'
MES non-polymer '2-(N-MORPHOLINO)-ETHANESULFONIC ACID' 'C6 H13 N O4 S'
NAG D-saccharide, beta linking 2-acetamido-2-deoxy-beta-D-glucopyranose 'C8 H15 N O6'
ZN non-polymer 'ZINC ION' 'Zn 2'
#
# COMPACT_ATOMS: atom_id res chain seq x y z
N ASP A 11 -32.01 -42.36 3.52
CA ASP A 11 -32.37 -40.99 3.04
C ASP A 11 -33.31 -40.27 4.01
N ASP A 12 -33.22 -38.94 4.00
CA ASP A 12 -34.17 -38.10 4.73
C ASP A 12 -35.62 -38.36 4.32
N GLY A 13 -36.56 -37.87 5.11
CA GLY A 13 -37.98 -37.87 4.73
C GLY A 13 -38.16 -36.94 3.53
N GLY A 14 -39.35 -36.97 2.96
CA GLY A 14 -39.67 -36.13 1.80
C GLY A 14 -39.47 -34.64 2.02
N VAL A 15 -39.77 -34.15 3.22
CA VAL A 15 -39.62 -32.72 3.52
C VAL A 15 -38.70 -32.55 4.69
N VAL A 16 -37.58 -31.86 4.46
CA VAL A 16 -36.69 -31.46 5.52
C VAL A 16 -37.00 -29.99 5.82
N ASN A 17 -36.99 -29.62 7.10
CA ASN A 17 -37.25 -28.24 7.54
C ASN A 17 -36.00 -27.65 8.22
N ILE A 18 -35.54 -26.55 7.65
CA ILE A 18 -34.33 -25.83 8.00
C ILE A 18 -34.76 -24.47 8.57
N THR A 19 -34.17 -24.07 9.70
CA THR A 19 -34.33 -22.72 10.22
C THR A 19 -33.03 -21.91 10.10
N TYR A 20 -33.20 -20.61 9.84
CA TYR A 20 -32.09 -19.67 9.52
C TYR A 20 -32.34 -18.34 10.25
N MET A 21 -31.56 -18.08 11.29
CA MET A 21 -31.59 -16.79 11.99
C MET A 21 -30.50 -15.88 11.40
N HIS A 22 -30.90 -14.68 11.03
CA HIS A 22 -29.97 -13.72 10.45
C HIS A 22 -30.14 -12.37 11.14
N ARG A 23 -29.20 -11.47 10.93
CA ARG A 23 -29.32 -10.09 11.41
C ARG A 23 -29.06 -9.06 10.31
N LEU A 24 -29.57 -9.38 9.11
CA LEU A 24 -29.56 -8.51 8.00
C LEU A 24 -30.64 -7.46 8.22
N PRO A 25 -30.42 -6.26 7.70
CA PRO A 25 -31.29 -5.10 7.99
C PRO A 25 -32.73 -5.21 7.58
N ASP A 26 -33.04 -5.75 6.38
CA ASP A 26 -34.42 -5.83 5.93
C ASP A 26 -35.10 -4.46 5.99
N SER A 27 -34.40 -3.37 5.65
CA SER A 27 -35.11 -2.07 5.67
C SER A 27 -35.89 -1.79 4.40
N GLU A 28 -36.68 -0.72 4.42
CA GLU A 28 -37.40 -0.30 3.21
C GLU A 28 -36.48 -0.17 2.00
N GLY A 29 -36.96 -0.68 0.86
CA GLY A 29 -36.21 -0.61 -0.41
C GLY A 29 -35.30 -1.82 -0.71
N MET A 30 -35.10 -2.66 0.29
CA MET A 30 -34.25 -3.83 0.14
C MET A 30 -35.11 -5.01 -0.23
N THR A 31 -34.48 -6.00 -0.85
CA THR A 31 -35.15 -7.29 -1.08
C THR A 31 -35.08 -8.06 0.20
N LEU A 32 -36.26 -8.31 0.76
CA LEU A 32 -36.37 -8.82 2.08
C LEU A 32 -35.83 -10.27 2.14
N VAL A 33 -35.22 -10.64 3.26
CA VAL A 33 -34.67 -12.00 3.37
C VAL A 33 -35.83 -13.00 3.16
N ASN A 34 -37.02 -12.69 3.68
CA ASN A 34 -38.14 -13.64 3.55
C ASN A 34 -38.61 -13.79 2.12
N ASP A 35 -38.46 -12.72 1.32
CA ASP A 35 -38.81 -12.81 -0.10
C ASP A 35 -37.75 -13.62 -0.86
N ILE A 36 -36.49 -13.41 -0.51
CA ILE A 36 -35.42 -14.29 -1.07
C ILE A 36 -35.72 -15.78 -0.77
N VAL A 37 -35.80 -16.12 0.52
CA VAL A 37 -36.18 -17.45 0.97
C VAL A 37 -37.46 -18.05 0.35
N ALA A 38 -38.50 -17.23 0.16
CA ALA A 38 -39.70 -17.74 -0.48
C ALA A 38 -39.48 -18.26 -1.91
N LYS A 39 -38.55 -17.68 -2.65
CA LYS A 39 -38.20 -18.17 -4.00
C LYS A 39 -37.60 -19.57 -3.92
N TRP A 40 -36.80 -19.82 -2.88
CA TRP A 40 -36.16 -21.13 -2.66
C TRP A 40 -37.31 -22.13 -2.29
N ASN A 41 -38.16 -21.69 -1.38
CA ASN A 41 -39.26 -22.57 -0.84
C ASN A 41 -40.21 -23.07 -1.92
N LYS A 42 -40.46 -22.22 -2.91
CA LYS A 42 -41.35 -22.51 -4.02
C LYS A 42 -40.72 -23.55 -4.92
N GLN A 43 -39.42 -23.40 -5.16
CA GLN A 43 -38.64 -24.36 -5.95
C GLN A 43 -38.32 -25.70 -5.26
N HIS A 44 -38.25 -25.68 -3.94
CA HIS A 44 -37.77 -26.85 -3.17
C HIS A 44 -38.75 -27.29 -2.08
N PRO A 45 -39.83 -27.98 -2.50
CA PRO A 45 -40.71 -28.53 -1.47
C PRO A 45 -39.99 -29.51 -0.55
N ASP A 46 -38.89 -30.11 -1.03
CA ASP A 46 -38.08 -31.07 -0.29
C ASP A 46 -37.20 -30.50 0.88
N ILE A 47 -36.91 -29.20 0.81
CA ILE A 47 -36.14 -28.49 1.82
C ILE A 47 -36.73 -27.10 2.08
N GLN A 48 -37.60 -27.03 3.09
CA GLN A 48 -38.34 -25.83 3.46
C GLN A 48 -37.59 -25.01 4.51
N VAL A 49 -37.46 -23.72 4.25
CA VAL A 49 -36.67 -22.88 5.11
C VAL A 49 -37.52 -21.80 5.75
N LYS A 50 -37.30 -21.63 7.07
CA LYS A 50 -37.91 -20.57 7.88
C LYS A 50 -36.83 -19.63 8.39
N ALA A 51 -36.87 -18.39 7.89
CA ALA A 51 -35.85 -17.38 8.20
C ALA A 51 -36.45 -16.36 9.13
N THR A 52 -35.74 -16.06 10.20
CA THR A 52 -36.15 -15.03 11.16
C THR A 52 -35.00 -14.04 11.39
N LYS A 53 -35.36 -12.78 11.67
CA LYS A 53 -34.39 -11.73 11.98
C LYS A 53 -34.23 -11.61 13.49
N PHE A 54 -33.00 -11.69 13.97
CA PHE A 54 -32.68 -11.52 15.40
C PHE A 54 -33.16 -10.16 15.90
N ASP A 55 -33.74 -10.12 17.10
CA ASP A 55 -34.36 -8.90 17.61
C ASP A 55 -33.50 -8.40 18.74
N GLY A 56 -32.63 -7.44 18.45
CA GLY A 56 -31.75 -6.91 19.46
C GLY A 56 -30.52 -6.35 18.81
N LYS A 57 -29.56 -5.99 19.64
CA LYS A 57 -28.31 -5.34 19.23
C LYS A 57 -27.43 -6.43 18.59
N ALA A 58 -26.79 -6.11 17.46
CA ALA A 58 -26.02 -7.09 16.67
C ALA A 58 -25.09 -7.97 17.52
N SER A 59 -24.29 -7.34 18.38
CA SER A 59 -23.32 -8.02 19.26
C SER A 59 -23.96 -9.01 20.23
N ASP A 60 -25.28 -8.94 20.41
CA ASP A 60 -25.97 -9.84 21.33
C ASP A 60 -26.46 -11.12 20.67
N MET A 61 -26.48 -11.15 19.34
CA MET A 61 -26.98 -12.33 18.67
C MET A 61 -26.26 -13.61 19.06
N ILE A 62 -24.92 -13.59 19.11
CA ILE A 62 -24.23 -14.84 19.48
C ILE A 62 -24.41 -15.26 20.96
N LYS A 63 -24.85 -14.32 21.81
CA LYS A 63 -25.24 -14.64 23.19
C LYS A 63 -26.57 -15.41 23.15
N LYS A 64 -27.47 -15.02 22.24
CA LYS A 64 -28.74 -15.73 22.08
C LYS A 64 -28.55 -17.12 21.47
N LEU A 65 -27.60 -17.22 20.53
CA LEU A 65 -27.24 -18.53 19.94
C LEU A 65 -26.72 -19.48 21.00
N GLU A 66 -25.79 -18.99 21.83
CA GLU A 66 -25.28 -19.73 22.96
C GLU A 66 -26.42 -20.27 23.86
N THR A 67 -27.33 -19.39 24.26
CA THR A 67 -28.54 -19.76 25.01
C THR A 67 -29.35 -20.86 24.32
N ASP A 68 -29.78 -20.61 23.08
CA ASP A 68 -30.57 -21.58 22.32
C ASP A 68 -29.85 -22.91 21.97
N VAL A 69 -28.54 -22.93 21.76
CA VAL A 69 -27.81 -24.21 21.57
C VAL A 69 -27.95 -25.10 22.85
N LYS A 70 -27.65 -24.51 24.01
CA LYS A 70 -27.77 -25.20 25.30
C LYS A 70 -29.20 -25.68 25.57
N SER A 71 -30.14 -24.86 25.16
CA SER A 71 -31.57 -25.05 25.32
C SER A 71 -32.21 -26.05 24.35
N GLY A 72 -31.48 -26.42 23.29
CA GLY A 72 -32.07 -27.08 22.13
C GLY A 72 -33.14 -26.29 21.36
N GLU A 73 -33.07 -24.96 21.41
CA GLU A 73 -34.00 -24.17 20.58
C GLU A 73 -33.31 -23.45 19.41
N ALA A 74 -32.07 -23.85 19.13
CA ALA A 74 -31.22 -23.14 18.20
C ALA A 74 -31.68 -23.39 16.76
N PRO A 75 -31.37 -22.45 15.82
CA PRO A 75 -31.64 -22.71 14.37
C PRO A 75 -30.65 -23.69 13.74
N ASP A 76 -30.92 -24.17 12.51
CA ASP A 76 -29.89 -24.96 11.80
C ASP A 76 -28.73 -24.07 11.37
N LEU A 77 -29.08 -22.85 10.90
CA LEU A 77 -28.14 -21.87 10.37
C LEU A 77 -28.27 -20.53 11.07
N ALA A 78 -27.15 -19.85 11.30
CA ALA A 78 -27.20 -18.54 11.97
C ALA A 78 -26.04 -17.71 11.45
N GLN A 79 -26.30 -16.43 11.22
CA GLN A 79 -25.23 -15.46 10.94
C GLN A 79 -24.24 -15.38 12.09
N VAL A 80 -22.96 -15.48 11.75
CA VAL A 80 -21.88 -15.43 12.72
C VAL A 80 -20.82 -14.59 12.02
N GLY A 81 -20.43 -13.47 12.62
CA GLY A 81 -19.35 -12.64 12.05
C GLY A 81 -18.04 -13.44 11.96
N TYR A 82 -17.17 -13.06 11.03
CA TYR A 82 -15.85 -13.68 10.98
C TYR A 82 -15.17 -13.50 12.33
N ALA A 83 -15.38 -12.34 12.95
CA ALA A 83 -14.75 -11.99 14.23
C ALA A 83 -15.30 -12.81 15.37
N GLU A 84 -16.52 -13.33 15.21
CA GLU A 84 -17.20 -14.13 16.22
C GLU A 84 -17.00 -15.63 16.08
N LEU A 85 -16.60 -16.09 14.91
CA LEU A 85 -16.55 -17.50 14.62
C LEU A 85 -15.58 -18.26 15.55
N PRO A 86 -14.33 -17.73 15.78
CA PRO A 86 -13.46 -18.46 16.73
C PRO A 86 -14.04 -18.56 18.15
N GLU A 87 -14.75 -17.50 18.59
CA GLU A 87 -15.40 -17.52 19.88
C GLU A 87 -16.52 -18.56 19.97
N VAL A 88 -17.43 -18.60 18.99
CA VAL A 88 -18.55 -19.54 19.09
C VAL A 88 -18.06 -20.97 18.82
N PHE A 89 -16.95 -21.09 18.08
CA PHE A 89 -16.33 -22.41 17.91
C PHE A 89 -15.85 -22.90 19.28
N THR A 90 -15.01 -22.10 19.92
CA THR A 90 -14.47 -22.40 21.25
C THR A 90 -15.58 -22.71 22.27
N LYS A 91 -16.71 -22.02 22.16
CA LYS A 91 -17.88 -22.30 22.96
C LYS A 91 -18.64 -23.63 22.63
N GLY A 92 -18.25 -24.35 21.57
CA GLY A 92 -18.89 -25.62 21.21
C GLY A 92 -20.25 -25.48 20.52
N LEU A 93 -20.45 -24.35 19.83
CA LEU A 93 -21.73 -24.01 19.24
C LEU A 93 -21.88 -24.43 17.76
N LEU A 94 -20.78 -24.83 17.12
CA LEU A 94 -20.78 -25.10 15.66
C LEU A 94 -20.74 -26.58 15.30
N GLN A 95 -21.08 -26.87 14.05
CA GLN A 95 -21.00 -28.21 13.48
C GLN A 95 -20.05 -28.19 12.34
N ASP A 96 -19.01 -29.02 12.46
CA ASP A 96 -18.08 -29.27 11.37
C ASP A 96 -18.88 -29.76 10.12
N VAL A 97 -18.80 -28.98 9.05
CA VAL A 97 -19.50 -29.29 7.79
C VAL A 97 -18.51 -29.29 6.64
N THR A 98 -17.27 -29.65 6.94
CA THR A 98 -16.22 -29.61 5.93
C THR A 98 -16.63 -30.38 4.66
N GLN A 99 -17.27 -31.52 4.81
CA GLN A 99 -17.47 -32.37 3.63
C GLN A 99 -18.50 -31.76 2.69
N TYR A 100 -19.30 -30.83 3.24
CA TYR A 100 -20.29 -30.13 2.44
C TYR A 100 -19.71 -28.85 1.85
N ALA A 101 -19.10 -28.04 2.70
CA ALA A 101 -18.47 -26.79 2.27
C ALA A 101 -17.54 -26.96 1.08
N GLU A 102 -16.78 -28.08 1.05
CA GLU A 102 -15.80 -28.38 -0.01
C GLU A 102 -16.47 -28.36 -1.38
N GLN A 103 -17.71 -28.84 -1.42
CA GLN A 103 -18.51 -28.86 -2.67
C GLN A 103 -18.87 -27.48 -3.20
N TYR A 104 -19.05 -26.51 -2.29
CA TYR A 104 -19.43 -25.11 -2.66
C TYR A 104 -18.27 -24.10 -2.64
N LYS A 105 -17.07 -24.58 -2.32
CA LYS A 105 -15.92 -23.68 -2.16
C LYS A 105 -15.72 -22.74 -3.35
N ASN A 106 -15.87 -23.24 -4.58
CA ASN A 106 -15.50 -22.45 -5.73
C ASN A 106 -16.50 -21.37 -6.11
N ASP A 107 -17.64 -21.34 -5.40
CA ASP A 107 -18.60 -20.23 -5.53
C ASP A 107 -18.17 -18.96 -4.74
N PHE A 108 -17.13 -19.10 -3.91
CA PHE A 108 -16.74 -18.01 -2.94
C PHE A 108 -15.31 -17.54 -3.11
N ALA A 109 -15.05 -16.26 -2.83
CA ALA A 109 -13.66 -15.76 -2.86
C ALA A 109 -12.84 -16.53 -1.81
N SER A 110 -11.56 -16.78 -2.06
CA SER A 110 -10.87 -17.69 -1.20
C SER A 110 -10.57 -17.13 0.19
N GLY A 111 -10.36 -15.82 0.30
CA GLY A 111 -10.11 -15.19 1.64
C GLY A 111 -11.29 -15.46 2.57
N PRO A 112 -12.47 -14.91 2.22
CA PRO A 112 -13.65 -15.17 3.00
C PRO A 112 -13.91 -16.65 3.28
N TYR A 113 -13.73 -17.53 2.29
CA TYR A 113 -13.89 -18.97 2.53
C TYR A 113 -12.96 -19.47 3.70
N SER A 114 -11.71 -19.03 3.70
CA SER A 114 -10.75 -19.41 4.74
C SER A 114 -11.19 -18.94 6.14
N LEU A 115 -12.02 -17.89 6.20
CA LEU A 115 -12.59 -17.36 7.44
C LEU A 115 -13.76 -18.17 8.04
N VAL A 116 -14.27 -19.17 7.32
CA VAL A 116 -15.27 -20.09 7.91
C VAL A 116 -14.58 -21.32 8.46
N GLN A 117 -13.25 -21.32 8.37
CA GLN A 117 -12.44 -22.47 8.82
C GLN A 117 -11.82 -22.27 10.21
N VAL A 118 -11.78 -23.35 10.98
CA VAL A 118 -10.96 -23.41 12.20
C VAL A 118 -10.22 -24.71 12.15
N GLY A 119 -8.90 -24.60 12.06
CA GLY A 119 -8.01 -25.75 12.03
C GLY A 119 -8.30 -26.64 10.84
N GLY A 120 -8.43 -26.02 9.67
CA GLY A 120 -8.77 -26.72 8.43
C GLY A 120 -10.05 -27.56 8.49
N LYS A 121 -10.98 -27.24 9.39
CA LYS A 121 -12.38 -27.68 9.27
C LYS A 121 -13.29 -26.46 9.02
N ALA A 122 -14.33 -26.65 8.20
CA ALA A 122 -15.26 -25.57 7.82
C ALA A 122 -16.57 -25.66 8.58
N TYR A 123 -17.13 -24.51 8.92
CA TYR A 123 -18.28 -24.47 9.83
C TYR A 123 -19.46 -23.73 9.26
N GLY A 124 -19.34 -23.36 7.98
CA GLY A 124 -20.43 -22.76 7.20
C GLY A 124 -19.94 -22.26 5.86
N LEU A 125 -20.58 -21.21 5.35
CA LEU A 125 -20.13 -20.52 4.17
C LEU A 125 -20.06 -19.02 4.38
N PRO A 126 -19.06 -18.38 3.75
CA PRO A 126 -18.96 -16.94 3.88
C PRO A 126 -20.09 -16.19 3.16
N GLN A 127 -20.48 -15.06 3.71
CA GLN A 127 -21.61 -14.31 3.12
C GLN A 127 -21.19 -12.94 2.55
N ASP A 128 -20.42 -12.16 3.31
CA ASP A 128 -20.00 -10.81 2.85
C ASP A 128 -18.69 -10.35 3.44
N THR A 129 -18.16 -9.23 2.96
CA THR A 129 -16.98 -8.63 3.58
C THR A 129 -17.17 -7.18 3.99
N GLY A 130 -16.40 -6.73 4.99
CA GLY A 130 -16.55 -5.39 5.52
C GLY A 130 -15.39 -4.41 5.41
N PRO A 131 -14.91 -4.09 4.19
CA PRO A 131 -13.77 -3.16 4.16
C PRO A 131 -14.23 -1.78 4.57
N LEU A 132 -13.33 -1.07 5.24
CA LEU A 132 -13.57 0.31 5.62
C LEU A 132 -13.23 1.28 4.52
N VAL A 133 -14.13 2.24 4.30
CA VAL A 133 -13.95 3.25 3.28
C VAL A 133 -14.33 4.60 3.89
N TYR A 134 -14.44 5.63 3.06
CA TYR A 134 -14.69 6.99 3.50
C TYR A 134 -15.84 7.53 2.71
N PHE A 135 -16.93 7.92 3.39
CA PHE A 135 -18.05 8.60 2.75
C PHE A 135 -17.92 10.10 2.97
N TYR A 136 -18.13 10.89 1.93
CA TYR A 136 -18.07 12.35 2.09
C TYR A 136 -18.99 13.06 1.10
N ASN A 137 -19.53 14.19 1.55
CA ASN A 137 -20.23 15.09 0.66
C ASN A 137 -19.29 16.05 -0.11
N LYS A 138 -19.06 15.72 -1.39
CA LYS A 138 -18.10 16.43 -2.25
C LYS A 138 -18.48 17.89 -2.47
N ALA A 139 -19.78 18.16 -2.54
CA ALA A 139 -20.32 19.52 -2.71
C ALA A 139 -19.94 20.39 -1.51
N GLU A 140 -20.13 19.83 -0.33
CA GLU A 140 -19.80 20.55 0.91
C GLU A 140 -18.29 20.68 1.16
N PHE A 141 -17.51 19.68 0.75
CA PHE A 141 -16.05 19.83 0.74
C PHE A 141 -15.62 20.99 -0.17
N GLU A 142 -16.17 21.05 -1.38
CA GLU A 142 -15.90 22.20 -2.30
C GLU A 142 -16.16 23.58 -1.68
N LYS A 143 -17.27 23.70 -0.97
CA LYS A 143 -17.68 24.94 -0.29
C LYS A 143 -16.68 25.40 0.76
N LEU A 144 -16.00 24.43 1.39
CA LEU A 144 -14.95 24.70 2.38
C LEU A 144 -13.55 24.84 1.75
N GLY A 145 -13.45 24.66 0.43
CA GLY A 145 -12.16 24.81 -0.24
C GLY A 145 -11.33 23.55 -0.11
N ILE A 146 -11.95 22.46 0.36
CA ILE A 146 -11.24 21.18 0.35
C ILE A 146 -11.41 20.46 -1.01
N THR A 147 -10.43 20.66 -1.90
CA THR A 147 -10.59 20.24 -3.30
C THR A 147 -10.00 18.85 -3.57
N GLU A 148 -9.34 18.28 -2.57
CA GLU A 148 -8.78 16.92 -2.66
C GLU A 148 -8.99 16.25 -1.32
N ILE A 149 -9.23 14.95 -1.27
CA ILE A 149 -9.23 14.29 0.05
C ILE A 149 -7.77 14.30 0.54
N PRO A 150 -7.49 14.98 1.66
CA PRO A 150 -6.08 15.04 2.09
C PRO A 150 -5.56 13.64 2.50
N GLN A 151 -4.33 13.31 2.15
CA GLN A 151 -3.91 11.90 2.25
C GLN A 151 -3.06 11.58 3.44
N THR A 152 -2.51 12.60 4.08
CA THR A 152 -1.78 12.40 5.34
C THR A 152 -2.68 12.76 6.54
N ALA A 153 -2.43 12.14 7.70
CA ALA A 153 -3.12 12.54 8.93
C ALA A 153 -3.00 14.06 9.24
N ASP A 154 -1.79 14.64 9.13
CA ASP A 154 -1.67 16.08 9.40
C ASP A 154 -2.53 16.95 8.48
N GLU A 155 -2.50 16.72 7.16
CA GLU A 155 -3.27 17.53 6.18
C GLU A 155 -4.77 17.35 6.44
N PHE A 156 -5.19 16.11 6.73
CA PHE A 156 -6.59 15.82 7.08
C PHE A 156 -7.08 16.57 8.34
N ILE A 157 -6.32 16.44 9.41
CA ILE A 157 -6.61 17.18 10.65
C ILE A 157 -6.71 18.71 10.41
N ALA A 158 -5.74 19.29 9.68
CA ALA A 158 -5.86 20.69 9.24
C ALA A 158 -7.20 21.01 8.55
N ALA A 159 -7.58 20.18 7.56
CA ALA A 159 -8.86 20.29 6.85
C ALA A 159 -10.04 20.16 7.81
N ALA A 160 -9.93 19.23 8.76
CA ALA A 160 -11.02 19.01 9.72
C ALA A 160 -11.23 20.23 10.65
N LYS A 161 -10.14 20.89 11.01
CA LYS A 161 -10.21 22.14 11.83
C LYS A 161 -10.93 23.26 11.07
N THR A 162 -10.63 23.39 9.78
CA THR A 162 -11.33 24.32 8.84
C THR A 162 -12.82 24.05 8.80
N ALA A 163 -13.20 22.79 8.55
CA ALA A 163 -14.62 22.39 8.63
C ALA A 163 -15.31 22.73 9.97
N ALA A 164 -14.67 22.36 11.07
CA ALA A 164 -15.25 22.55 12.39
C ALA A 164 -15.57 24.02 12.71
N ALA A 165 -14.71 24.92 12.22
CA ALA A 165 -14.92 26.36 12.35
C ALA A 165 -16.19 26.84 11.64
N ALA A 166 -16.61 26.14 10.58
CA ALA A 166 -17.86 26.42 9.87
C ALA A 166 -19.03 25.58 10.37
N GLY A 167 -18.85 24.94 11.53
CA GLY A 167 -19.88 24.06 12.06
C GLY A 167 -20.09 22.77 11.26
N LYS A 168 -19.06 22.34 10.51
CA LYS A 168 -19.15 21.10 9.72
C LYS A 168 -18.16 20.09 10.30
N TYR A 169 -18.34 18.79 10.01
CA TYR A 169 -17.44 17.73 10.53
C TYR A 169 -17.09 16.76 9.43
N ILE A 170 -15.80 16.60 9.12
CA ILE A 170 -15.38 15.65 8.07
C ILE A 170 -14.97 14.27 8.68
N MET A 171 -15.17 14.12 9.99
CA MET A 171 -15.01 12.82 10.68
C MET A 171 -16.10 12.62 11.75
N SER A 172 -16.52 11.37 11.97
CA SER A 172 -17.16 10.97 13.21
C SER A 172 -16.24 10.09 14.06
N TYR A 173 -16.38 10.28 15.36
CA TYR A 173 -15.89 9.40 16.38
C TYR A 173 -17.07 8.64 16.94
N GLN A 174 -17.06 7.33 16.76
CA GLN A 174 -18.24 6.49 17.05
C GLN A 174 -17.92 5.56 18.23
N PRO A 175 -18.18 6.02 19.47
CA PRO A 175 -17.67 5.19 20.56
C PRO A 175 -18.33 3.82 20.71
N ASP A 176 -19.62 3.73 20.35
CA ASP A 176 -20.37 2.45 20.33
C ASP A 176 -19.87 1.44 19.24
N GLU A 177 -18.95 1.91 18.39
CA GLU A 177 -18.40 1.07 17.32
C GLU A 177 -16.87 0.94 17.38
N ALA A 178 -16.21 1.35 18.48
CA ALA A 178 -14.75 1.33 18.53
C ALA A 178 -14.22 -0.11 18.38
N GLY A 179 -14.97 -1.05 18.92
CA GLY A 179 -14.55 -2.46 18.96
C GLY A 179 -14.51 -3.04 17.54
N ASN A 180 -15.36 -2.52 16.68
CA ASN A 180 -15.43 -3.06 15.30
C ASN A 180 -14.69 -2.18 14.32
N MET A 181 -14.96 -0.88 14.38
CA MET A 181 -14.32 0.07 13.47
C MET A 181 -12.90 0.41 13.85
N ILE A 182 -12.64 0.71 15.13
CA ILE A 182 -11.30 1.18 15.44
C ILE A 182 -10.30 0.04 15.46
N SER A 183 -10.76 -1.16 15.77
CA SER A 183 -9.89 -2.37 15.65
C SER A 183 -9.53 -2.61 14.16
N GLY A 184 -10.52 -2.33 13.31
CA GLY A 184 -10.37 -2.48 11.84
C GLY A 184 -9.32 -1.52 11.30
N LEU A 185 -9.41 -0.27 11.74
CA LEU A 185 -8.49 0.78 11.34
C LEU A 185 -7.07 0.51 11.81
N ALA A 186 -6.89 0.22 13.10
CA ALA A 186 -5.58 -0.09 13.63
C ALA A 186 -5.03 -1.36 12.97
N GLY A 187 -5.90 -2.33 12.78
CA GLY A 187 -5.50 -3.66 12.27
C GLY A 187 -5.21 -3.71 10.78
N ALA A 188 -5.59 -2.66 10.06
CA ALA A 188 -5.22 -2.51 8.64
C ALA A 188 -3.69 -2.69 8.45
N SER A 189 -2.90 -2.35 9.46
CA SER A 189 -1.43 -2.32 9.32
C SER A 189 -0.75 -3.48 10.03
N GLY A 190 -1.54 -4.34 10.66
CA GLY A 190 -0.97 -5.50 11.36
C GLY A 190 -1.91 -6.13 12.38
N GLY A 191 -1.76 -7.43 12.58
CA GLY A 191 -2.63 -8.18 13.45
C GLY A 191 -2.22 -7.86 14.90
N TRP A 192 -3.17 -8.10 15.78
CA TRP A 192 -3.02 -8.02 17.23
C TRP A 192 -2.82 -9.38 17.90
N TYR A 193 -3.29 -10.45 17.24
CA TYR A 193 -3.36 -11.81 17.82
C TYR A 193 -2.72 -12.86 16.90
N LYS A 194 -1.78 -13.63 17.43
CA LYS A 194 -1.25 -14.77 16.68
C LYS A 194 -0.96 -15.93 17.57
N VAL A 195 -1.28 -17.12 17.09
CA VAL A 195 -0.90 -18.35 17.78
C VAL A 195 0.57 -18.59 17.47
N LYS A 196 1.39 -18.72 18.52
CA LYS A 196 2.79 -19.16 18.34
C LYS A 196 3.01 -20.47 19.10
N GLY A 197 2.88 -21.58 18.37
CA GLY A 197 2.99 -22.90 18.97
C GLY A 197 1.88 -23.25 19.93
N ASP A 198 2.21 -23.21 21.21
CA ASP A 198 1.31 -23.64 22.26
C ASP A 198 0.45 -22.50 22.89
N SER A 199 0.75 -21.26 22.49
CA SER A 199 0.26 -20.04 23.15
C SER A 199 -0.18 -18.94 22.18
N TRP A 200 -1.13 -18.13 22.62
CA TRP A 200 -1.45 -16.86 21.95
C TRP A 200 -0.46 -15.76 22.31
N VAL A 201 -0.07 -15.00 21.29
CA VAL A 201 0.69 -13.78 21.48
C VAL A 201 -0.20 -12.60 21.15
N VAL A 202 -0.35 -11.73 22.14
CA VAL A 202 -1.24 -10.58 22.06
C VAL A 202 -0.41 -9.31 22.09
N ASN A 203 -0.60 -8.44 21.10
CA ASN A 203 -0.12 -7.06 21.17
C ASN A 203 -1.11 -6.13 20.46
N THR A 204 -2.02 -5.54 21.23
CA THR A 204 -2.97 -4.58 20.67
C THR A 204 -2.47 -3.15 20.55
N GLU A 205 -1.15 -2.95 20.75
CA GLU A 205 -0.56 -1.62 20.85
C GLU A 205 0.56 -1.49 19.82
N THR A 206 0.16 -1.74 18.58
CA THR A 206 1.00 -1.63 17.41
C THR A 206 1.23 -0.19 16.97
N ASP A 207 2.12 -0.01 15.99
CA ASP A 207 2.32 1.31 15.40
C ASP A 207 0.97 1.82 14.83
N GLY A 208 0.18 0.89 14.28
CA GLY A 208 -1.20 1.17 13.79
C GLY A 208 -2.11 1.70 14.87
N SER A 209 -2.17 0.99 15.99
CA SER A 209 -2.96 1.39 17.13
C SER A 209 -2.56 2.78 17.63
N LYS A 210 -1.24 3.04 17.72
CA LYS A 210 -0.70 4.35 18.10
C LYS A 210 -1.06 5.48 17.11
N ALA A 211 -0.89 5.23 15.80
CA ALA A 211 -1.27 6.20 14.78
C ALA A 211 -2.77 6.44 14.83
N THR A 212 -3.55 5.37 14.98
CA THR A 212 -5.02 5.51 15.06
C THR A 212 -5.46 6.40 16.24
N ALA A 213 -4.92 6.09 17.42
CA ALA A 213 -5.21 6.88 18.63
C ALA A 213 -4.89 8.36 18.45
N ASP A 214 -3.69 8.64 17.92
CA ASP A 214 -3.22 10.01 17.67
C ASP A 214 -4.14 10.76 16.72
N PHE A 215 -4.53 10.12 15.61
CA PHE A 215 -5.51 10.71 14.68
C PHE A 215 -6.81 11.15 15.41
N TYR A 216 -7.48 10.23 16.12
CA TYR A 216 -8.75 10.58 16.73
C TYR A 216 -8.54 11.51 17.93
N GLN A 217 -7.42 11.34 18.63
CA GLN A 217 -7.06 12.25 19.74
C GLN A 217 -6.98 13.69 19.28
N GLN A 218 -6.20 13.96 18.22
CA GLN A 218 -6.11 15.32 17.67
C GLN A 218 -7.47 15.90 17.25
N LEU A 219 -8.31 15.05 16.65
CA LEU A 219 -9.64 15.45 16.18
C LEU A 219 -10.58 15.83 17.32
N LEU A 220 -10.58 14.99 18.35
CA LEU A 220 -11.39 15.21 19.54
C LEU A 220 -10.91 16.46 20.28
N ASP A 221 -9.59 16.62 20.44
CA ASP A 221 -9.02 17.79 21.12
C ASP A 221 -9.43 19.07 20.38
N ALA A 222 -9.51 18.98 19.04
CA ALA A 222 -9.87 20.14 18.22
C ALA A 222 -11.36 20.31 18.05
N LYS A 223 -12.17 19.48 18.71
CA LYS A 223 -13.63 19.48 18.53
C LYS A 223 -13.97 19.40 17.04
N ALA A 224 -13.24 18.52 16.35
CA ALA A 224 -13.33 18.45 14.88
C ALA A 224 -13.88 17.14 14.40
N ALA A 225 -14.47 16.35 15.30
CA ALA A 225 -15.21 15.17 14.89
C ALA A 225 -16.45 15.06 15.72
N THR A 226 -17.55 14.62 15.14
CA THR A 226 -18.78 14.36 15.93
C THR A 226 -18.50 13.24 16.95
N THR A 227 -19.30 13.17 18.02
CA THR A 227 -19.05 12.18 19.07
C THR A 227 -20.31 11.38 19.35
N ASN A 228 -21.36 11.60 18.56
CA ASN A 228 -22.62 10.85 18.67
C ASN A 228 -22.39 9.35 18.40
N PRO A 229 -22.91 8.48 19.28
CA PRO A 229 -22.81 7.04 19.00
C PRO A 229 -23.52 6.76 17.66
N ARG A 230 -22.90 5.91 16.86
CA ARG A 230 -23.37 5.57 15.51
C ARG A 230 -24.86 5.21 15.40
N TRP A 231 -25.33 4.40 16.33
CA TRP A 231 -26.69 3.86 16.27
C TRP A 231 -27.70 4.73 17.00
N ASP A 232 -27.26 5.88 17.50
CA ASP A 232 -28.20 6.79 18.16
C ASP A 232 -28.87 7.73 17.17
N PRO A 233 -30.14 8.12 17.48
CA PRO A 233 -30.83 9.10 16.67
C PRO A 233 -30.00 10.36 16.38
N SER A 234 -29.17 10.78 17.33
CA SER A 234 -28.26 11.95 17.16
C SER A 234 -27.26 11.79 16.01
N PHE A 235 -26.79 10.56 15.80
CA PHE A 235 -25.96 10.33 14.63
C PHE A 235 -26.76 10.64 13.35
N ASP A 236 -27.92 10.04 13.18
CA ASP A 236 -28.77 10.35 12.00
C ASP A 236 -29.08 11.84 11.87
N ALA A 237 -29.32 12.48 13.01
CA ALA A 237 -29.69 13.90 13.06
C ALA A 237 -28.55 14.69 12.43
N SER A 238 -27.30 14.28 12.70
CA SER A 238 -26.11 15.00 12.18
C SER A 238 -25.95 14.91 10.65
N ILE A 239 -26.46 13.84 10.03
CA ILE A 239 -26.49 13.73 8.56
C ILE A 239 -27.66 14.58 7.99
N LYS A 240 -28.87 14.33 8.50
CA LYS A 240 -30.10 15.07 8.08
C LYS A 240 -29.90 16.56 8.12
N ASP A 241 -29.38 17.05 9.25
CA ASP A 241 -29.10 18.48 9.43
C ASP A 241 -27.92 19.06 8.64
N GLY A 242 -27.14 18.18 7.98
CA GLY A 242 -26.01 18.60 7.14
C GLY A 242 -24.71 18.97 7.81
N SER A 243 -24.56 18.71 9.10
CA SER A 243 -23.31 19.05 9.79
C SER A 243 -22.25 17.96 9.59
N LEU A 244 -22.66 16.68 9.66
CA LEU A 244 -21.69 15.56 9.33
C LEU A 244 -21.60 15.39 7.78
N ILE A 245 -20.47 15.82 7.19
CA ILE A 245 -20.23 15.77 5.74
C ILE A 245 -19.08 14.80 5.30
N GLY A 246 -18.50 14.11 6.27
CA GLY A 246 -17.53 13.04 5.97
C GLY A 246 -17.40 12.10 7.15
N THR A 247 -17.21 10.80 6.85
CA THR A 247 -16.89 9.81 7.89
C THR A 247 -16.28 8.51 7.29
N VAL A 248 -15.48 7.82 8.11
CA VAL A 248 -15.12 6.44 7.85
C VAL A 248 -16.46 5.69 7.97
N ALA A 249 -16.66 4.69 7.13
CA ALA A 249 -17.79 3.77 7.23
C ALA A 249 -17.36 2.40 6.68
N ALA A 250 -17.97 1.35 7.22
CA ALA A 250 -17.87 0.02 6.64
C ALA A 250 -18.65 0.04 5.34
N ALA A 251 -18.13 -0.68 4.34
CA ALA A 251 -18.78 -0.68 3.02
C ALA A 251 -20.28 -1.04 3.11
N TRP A 252 -20.66 -1.99 3.97
CA TRP A 252 -22.08 -2.41 4.13
C TRP A 252 -23.02 -1.32 4.70
N GLU A 253 -22.44 -0.20 5.14
CA GLU A 253 -23.23 0.92 5.64
C GLU A 253 -23.96 1.68 4.60
N ALA A 254 -23.63 1.47 3.31
CA ALA A 254 -24.17 2.37 2.25
C ALA A 254 -25.70 2.58 2.34
N PRO A 255 -26.50 1.52 2.21
CA PRO A 255 -27.97 1.78 2.33
C PRO A 255 -28.47 2.30 3.70
N LEU A 256 -27.86 1.84 4.79
CA LEU A 256 -28.17 2.33 6.15
C LEU A 256 -27.96 3.85 6.27
N PHE A 257 -26.78 4.30 5.82
CA PHE A 257 -26.41 5.69 5.75
C PHE A 257 -27.37 6.50 4.93
N MET A 258 -27.75 5.96 3.76
CA MET A 258 -28.69 6.62 2.86
C MET A 258 -30.05 6.79 3.53
N THR A 259 -30.52 5.75 4.20
CA THR A 259 -31.79 5.81 4.93
C THR A 259 -31.68 6.85 6.08
N SER A 260 -30.62 6.72 6.89
CA SER A 260 -30.30 7.64 8.01
C SER A 260 -30.25 9.13 7.58
N SER A 261 -29.85 9.39 6.33
CA SER A 261 -29.77 10.78 5.78
C SER A 261 -31.11 11.48 5.55
N GLY A 262 -32.19 10.71 5.47
CA GLY A 262 -33.51 11.27 5.10
C GLY A 262 -33.48 11.88 3.69
N GLY A 263 -32.37 11.68 2.98
CA GLY A 263 -32.16 12.25 1.65
C GLY A 263 -31.18 13.41 1.60
N THR A 264 -30.74 13.91 2.75
CA THR A 264 -29.89 15.07 2.74
C THR A 264 -28.56 14.78 2.03
N GLY A 265 -28.18 15.68 1.12
CA GLY A 265 -26.98 15.56 0.30
C GLY A 265 -27.09 14.60 -0.88
N SER A 266 -28.28 14.06 -1.10
CA SER A 266 -28.44 13.12 -2.22
C SER A 266 -27.93 13.73 -3.52
N GLY A 267 -27.03 13.00 -4.18
CA GLY A 267 -26.45 13.43 -5.46
C GLY A 267 -25.11 14.09 -5.28
N GLU A 268 -24.72 14.33 -4.03
CA GLU A 268 -23.47 15.01 -3.74
C GLU A 268 -22.48 14.08 -3.00
N TRP A 269 -23.00 13.05 -2.35
CA TRP A 269 -22.16 12.08 -1.59
C TRP A 269 -21.25 11.28 -2.54
N GLN A 270 -20.08 10.89 -2.05
CA GLN A 270 -19.09 10.13 -2.83
C GLN A 270 -18.46 9.13 -1.89
N VAL A 271 -17.90 8.04 -2.45
CA VAL A 271 -17.09 7.11 -1.67
C VAL A 271 -15.63 7.26 -2.15
N ALA A 272 -14.72 7.31 -1.17
CA ALA A 272 -13.26 7.24 -1.42
C ALA A 272 -12.62 6.11 -0.62
N GLN A 273 -11.38 5.74 -0.99
CA GLN A 273 -10.58 4.88 -0.20
C GLN A 273 -10.13 5.63 1.06
N LEU A 274 -9.92 4.92 2.17
CA LEU A 274 -9.26 5.59 3.32
C LEU A 274 -7.97 6.27 2.93
N GLY A 275 -7.78 7.48 3.39
CA GLY A 275 -6.48 8.12 3.32
C GLY A 275 -5.50 7.41 4.26
N ASP A 276 -4.24 7.86 4.23
CA ASP A 276 -3.21 7.28 5.11
C ASP A 276 -3.27 7.93 6.52
N TRP A 277 -4.41 7.78 7.20
CA TRP A 277 -4.64 8.57 8.42
C TRP A 277 -4.39 7.82 9.70
N PHE A 278 -4.24 6.50 9.59
CA PHE A 278 -4.25 5.59 10.76
C PHE A 278 -2.97 4.75 10.82
N GLY A 279 -1.90 5.24 10.22
CA GLY A 279 -0.69 4.36 10.12
C GLY A 279 -0.94 3.12 9.22
N ASN A 280 -1.88 3.25 8.28
CA ASN A 280 -2.38 2.11 7.48
C ASN A 280 -1.62 1.84 6.21
N ALA A 281 -0.81 2.83 5.78
CA ALA A 281 0.07 2.75 4.62
C ALA A 281 -0.61 2.15 3.38
N GLY A 282 -1.69 2.76 2.94
CA GLY A 282 -2.31 2.26 1.73
C GLY A 282 -3.25 1.06 1.91
N LYS A 283 -3.39 0.55 3.13
CA LYS A 283 -4.29 -0.59 3.35
C LYS A 283 -5.55 -0.12 4.03
N THR A 284 -6.58 -0.97 3.96
CA THR A 284 -7.74 -0.78 4.81
C THR A 284 -7.87 -2.03 5.68
N GLY A 285 -8.92 -2.09 6.47
CA GLY A 285 -9.02 -3.14 7.43
C GLY A 285 -10.46 -3.54 7.52
N PRO A 286 -10.73 -4.71 8.12
CA PRO A 286 -12.11 -5.20 8.28
C PRO A 286 -12.89 -4.61 9.43
N ASP A 287 -14.17 -4.35 9.13
CA ASP A 287 -15.14 -3.96 10.12
C ASP A 287 -16.42 -4.77 9.84
N GLY A 288 -16.66 -5.78 10.68
CA GLY A 288 -17.73 -6.70 10.43
C GLY A 288 -17.41 -7.58 9.21
N GLY A 289 -18.46 -8.05 8.55
CA GLY A 289 -18.33 -9.11 7.50
C GLY A 289 -18.67 -10.41 8.20
N SER A 290 -19.42 -11.26 7.53
CA SER A 290 -20.07 -12.36 8.25
C SER A 290 -20.11 -13.64 7.41
N ALA A 291 -20.18 -14.77 8.12
CA ALA A 291 -20.51 -16.06 7.53
C ALA A 291 -21.92 -16.42 8.00
N VAL A 292 -22.48 -17.49 7.48
CA VAL A 292 -23.60 -18.21 8.12
C VAL A 292 -23.04 -19.59 8.48
N ALA A 293 -23.18 -19.97 9.76
CA ALA A 293 -22.62 -21.19 10.30
C ALA A 293 -23.72 -22.22 10.53
N VAL A 294 -23.34 -23.51 10.43
CA VAL A 294 -24.21 -24.62 10.79
C VAL A 294 -23.94 -24.89 12.27
N LEU A 295 -25.01 -24.95 13.04
CA LEU A 295 -24.85 -25.07 14.47
C LEU A 295 -24.82 -26.52 14.92
N LYS A 296 -24.28 -26.70 16.12
CA LYS A 296 -23.87 -27.98 16.72
C LYS A 296 -24.90 -29.10 16.54
N ASN A 297 -26.15 -28.80 16.84
CA ASN A 297 -27.14 -29.86 16.86
C ASN A 297 -28.12 -29.98 15.67
N SER A 298 -27.83 -29.27 14.57
CA SER A 298 -28.61 -29.43 13.32
C SER A 298 -28.54 -30.87 12.81
N LYS A 299 -29.72 -31.46 12.58
CA LYS A 299 -29.85 -32.82 12.04
C LYS A 299 -29.65 -32.88 10.52
N HIS A 300 -29.69 -31.71 9.86
CA HIS A 300 -29.61 -31.66 8.41
C HIS A 300 -28.53 -30.74 7.86
N PRO A 301 -27.27 -31.02 8.23
CA PRO A 301 -26.17 -30.17 7.71
C PRO A 301 -26.10 -30.16 6.19
N LYS A 302 -26.32 -31.30 5.52
CA LYS A 302 -26.22 -31.28 4.06
C LYS A 302 -27.18 -30.28 3.39
N GLU A 303 -28.44 -30.38 3.74
CA GLU A 303 -29.44 -29.53 3.12
C GLU A 303 -29.37 -28.09 3.63
N ALA A 304 -28.96 -27.90 4.87
CA ALA A 304 -28.72 -26.55 5.32
C ALA A 304 -27.64 -25.88 4.45
N MET A 305 -26.61 -26.64 4.08
CA MET A 305 -25.52 -26.04 3.34
C MET A 305 -25.90 -25.88 1.86
N GLU A 306 -26.76 -26.76 1.38
CA GLU A 306 -27.26 -26.70 0.03
C GLU A 306 -28.10 -25.41 -0.14
N PHE A 307 -29.01 -25.19 0.80
CA PHE A 307 -29.82 -23.95 0.78
C PHE A 307 -28.87 -22.73 0.93
N LEU A 308 -27.93 -22.81 1.86
CA LEU A 308 -26.98 -21.68 2.13
C LEU A 308 -26.18 -21.26 0.92
N ASP A 309 -25.69 -22.27 0.18
CA ASP A 309 -24.90 -21.96 -0.99
C ASP A 309 -25.76 -21.19 -2.01
N TRP A 310 -27.02 -21.65 -2.20
CA TRP A 310 -27.99 -20.92 -3.03
C TRP A 310 -28.20 -19.49 -2.44
N PHE A 311 -28.46 -19.39 -1.12
CA PHE A 311 -28.83 -18.07 -0.55
C PHE A 311 -27.65 -17.09 -0.74
N ASN A 312 -26.44 -17.56 -0.46
CA ASN A 312 -25.23 -16.67 -0.49
C ASN A 312 -24.76 -16.33 -1.87
N THR A 313 -25.34 -16.96 -2.88
CA THR A 313 -25.03 -16.63 -4.24
C THR A 313 -26.16 -15.84 -4.91
N GLN A 314 -27.15 -15.36 -4.14
CA GLN A 314 -28.18 -14.47 -4.71
C GLN A 314 -27.70 -13.05 -4.70
N VAL A 315 -26.69 -12.78 -5.53
CA VAL A 315 -25.90 -11.57 -5.43
C VAL A 315 -26.70 -10.23 -5.42
N PRO A 316 -27.49 -9.95 -6.46
CA PRO A 316 -28.21 -8.62 -6.38
C PRO A 316 -29.10 -8.46 -5.15
N ASP A 317 -29.78 -9.55 -4.74
CA ASP A 317 -30.62 -9.51 -3.54
C ASP A 317 -29.81 -9.20 -2.28
N LEU A 318 -28.64 -9.86 -2.13
CA LEU A 318 -27.71 -9.60 -1.04
C LEU A 318 -27.18 -8.17 -1.09
N VAL A 319 -26.85 -7.70 -2.27
CA VAL A 319 -26.33 -6.35 -2.46
C VAL A 319 -27.44 -5.36 -2.03
N SER A 320 -28.71 -5.70 -2.27
CA SER A 320 -29.77 -4.75 -1.82
C SER A 320 -29.75 -4.56 -0.28
N GLN A 321 -29.22 -5.55 0.45
CA GLN A 321 -29.08 -5.43 1.90
C GLN A 321 -27.88 -4.61 2.37
N GLY A 322 -27.16 -4.06 1.42
CA GLY A 322 -25.88 -3.37 1.60
C GLY A 322 -24.66 -4.28 1.63
N LEU A 323 -24.87 -5.58 1.40
CA LEU A 323 -23.74 -6.53 1.47
C LEU A 323 -22.75 -6.43 0.30
N VAL A 324 -21.48 -6.63 0.62
CA VAL A 324 -20.47 -6.78 -0.41
C VAL A 324 -20.22 -8.30 -0.45
N PRO A 325 -20.84 -9.00 -1.43
CA PRO A 325 -20.91 -10.44 -1.29
C PRO A 325 -19.56 -11.13 -1.35
N ALA A 326 -19.39 -12.19 -0.58
CA ALA A 326 -18.22 -13.09 -0.74
C ALA A 326 -18.30 -13.99 -2.03
N ALA A 327 -19.54 -14.18 -2.52
CA ALA A 327 -19.82 -14.93 -3.80
C ALA A 327 -18.97 -14.39 -4.94
N THR A 328 -18.39 -15.31 -5.74
CA THR A 328 -17.72 -14.92 -6.96
C THR A 328 -18.46 -15.41 -8.24
N THR A 329 -19.68 -15.94 -8.08
CA THR A 329 -20.47 -16.48 -9.18
C THR A 329 -20.98 -15.45 -10.20
N GLU A 330 -21.09 -14.18 -9.80
CA GLU A 330 -21.41 -13.08 -10.73
C GLU A 330 -20.94 -11.79 -10.06
N ASP A 331 -20.71 -10.74 -10.88
CA ASP A 331 -20.25 -9.47 -10.35
C ASP A 331 -21.38 -8.76 -9.61
N ALA A 332 -21.06 -8.25 -8.43
CA ALA A 332 -21.97 -7.36 -7.73
C ALA A 332 -22.07 -6.06 -8.47
N GLU A 333 -23.25 -5.48 -8.51
CA GLU A 333 -23.41 -4.20 -9.19
C GLU A 333 -24.07 -3.15 -8.30
N THR A 334 -23.72 -1.88 -8.54
CA THR A 334 -24.28 -0.76 -7.77
C THR A 334 -25.77 -0.56 -8.09
N PRO A 335 -26.64 -0.75 -7.12
CA PRO A 335 -28.06 -0.39 -7.39
C PRO A 335 -28.28 1.05 -7.87
N SER A 336 -29.09 1.22 -8.91
CA SER A 336 -29.45 2.56 -9.41
C SER A 336 -29.77 3.57 -8.28
N GLU A 337 -30.52 3.18 -7.25
CA GLU A 337 -30.80 4.08 -6.08
C GLU A 337 -29.51 4.60 -5.41
N TRP A 338 -28.53 3.71 -5.25
CA TRP A 338 -27.26 4.09 -4.63
C TRP A 338 -26.43 5.03 -5.51
N SER A 339 -26.29 4.71 -6.78
CA SER A 339 -25.47 5.61 -7.65
C SER A 339 -26.12 6.99 -7.71
N THR A 340 -27.45 7.03 -7.72
CA THR A 340 -28.21 8.32 -7.67
C THR A 340 -27.82 9.10 -6.43
N PHE A 341 -27.98 8.48 -5.25
CA PHE A 341 -27.56 9.10 -4.00
C PHE A 341 -26.08 9.57 -3.99
N PHE A 342 -25.19 8.69 -4.46
CA PHE A 342 -23.76 8.93 -4.50
C PHE A 342 -23.26 9.60 -5.80
N GLY A 343 -23.97 10.65 -6.21
CA GLY A 343 -23.58 11.49 -7.33
C GLY A 343 -23.28 10.79 -8.64
N GLY A 344 -24.01 9.73 -8.94
CA GLY A 344 -23.76 8.97 -10.16
C GLY A 344 -22.62 7.96 -10.06
N GLN A 345 -22.02 7.80 -8.88
CA GLN A 345 -20.79 6.97 -8.72
C GLN A 345 -21.10 5.49 -8.62
N ASP A 346 -20.25 4.70 -9.25
CA ASP A 346 -20.31 3.24 -9.15
C ASP A 346 -19.54 2.85 -7.89
N ILE A 347 -20.22 2.99 -6.75
CA ILE A 347 -19.59 2.81 -5.41
C ILE A 347 -19.14 1.34 -5.19
N MET A 348 -19.79 0.40 -5.88
CA MET A 348 -19.42 -1.01 -5.77
C MET A 348 -18.00 -1.23 -6.23
N LYS A 349 -17.57 -0.52 -7.27
CA LYS A 349 -16.14 -0.57 -7.66
C LYS A 349 -15.18 -0.16 -6.50
N GLU A 350 -15.51 0.91 -5.82
CA GLU A 350 -14.74 1.32 -4.65
C GLU A 350 -14.70 0.25 -3.56
N PHE A 351 -15.86 -0.36 -3.28
CA PHE A 351 -15.92 -1.45 -2.29
C PHE A 351 -15.01 -2.63 -2.64
N LYS A 352 -15.00 -3.03 -3.92
CA LYS A 352 -14.09 -4.13 -4.34
C LYS A 352 -12.63 -3.73 -4.29
N THR A 353 -12.31 -2.50 -4.67
CA THR A 353 -10.94 -2.00 -4.52
C THR A 353 -10.51 -2.07 -3.02
N ALA A 354 -11.40 -1.61 -2.16
CA ALA A 354 -11.15 -1.61 -0.69
C ALA A 354 -11.00 -3.05 -0.20
N ASN A 355 -11.91 -3.93 -0.62
CA ASN A 355 -11.81 -5.33 -0.28
C ASN A 355 -10.45 -5.94 -0.66
N ASN A 356 -9.99 -5.64 -1.86
CA ASN A 356 -8.69 -6.18 -2.32
C ASN A 356 -7.47 -5.56 -1.63
N ASN A 357 -7.66 -4.41 -0.98
CA ASN A 357 -6.60 -3.77 -0.21
C ASN A 357 -6.77 -3.95 1.30
N MET A 358 -7.66 -4.85 1.71
CA MET A 358 -7.98 -5.02 3.12
C MET A 358 -7.00 -5.98 3.77
N GLY A 359 -6.39 -5.57 4.88
CA GLY A 359 -5.55 -6.47 5.68
C GLY A 359 -6.26 -7.63 6.33
N ASP A 360 -5.58 -8.79 6.37
CA ASP A 360 -6.07 -9.94 7.10
C ASP A 360 -5.95 -9.60 8.58
N PHE A 361 -6.90 -10.09 9.36
CA PHE A 361 -6.88 -9.89 10.81
C PHE A 361 -7.47 -11.10 11.54
N THR A 362 -6.61 -11.81 12.25
CA THR A 362 -7.04 -12.93 13.08
C THR A 362 -7.68 -12.40 14.35
N TYR A 363 -8.87 -12.92 14.68
CA TYR A 363 -9.51 -12.60 15.96
C TYR A 363 -9.42 -13.71 16.99
N MET A 364 -8.90 -13.38 18.19
CA MET A 364 -8.92 -14.33 19.28
C MET A 364 -10.33 -14.76 19.68
N PRO A 365 -10.46 -16.00 20.16
CA PRO A 365 -11.76 -16.38 20.75
C PRO A 365 -12.01 -15.49 21.98
N GLY A 366 -13.25 -15.02 22.18
CA GLY A 366 -13.55 -14.05 23.22
C GLY A 366 -13.41 -12.57 22.84
N PHE A 367 -13.12 -12.29 21.56
CA PHE A 367 -12.96 -10.93 21.09
C PHE A 367 -14.17 -10.07 21.44
N SER A 368 -15.34 -10.66 21.62
CA SER A 368 -16.49 -9.86 22.00
C SER A 368 -16.24 -9.05 23.27
N ALA A 369 -15.50 -9.64 24.22
CA ALA A 369 -15.16 -8.92 25.44
C ALA A 369 -14.18 -7.80 25.16
N VAL A 370 -13.29 -8.00 24.19
CA VAL A 370 -12.31 -6.96 23.80
C VAL A 370 -13.02 -5.80 23.17
N ALA A 371 -13.98 -6.12 22.29
CA ALA A 371 -14.78 -5.11 21.60
C ALA A 371 -15.61 -4.29 22.57
N ALA A 372 -16.26 -4.96 23.53
CA ALA A 372 -17.13 -4.31 24.51
C ALA A 372 -16.31 -3.37 25.42
N LYS A 373 -15.12 -3.79 25.82
CA LYS A 373 -14.21 -2.94 26.60
C LYS A 373 -13.77 -1.73 25.74
N MET A 374 -13.45 -1.97 24.47
CA MET A 374 -12.96 -0.89 23.62
C MET A 374 -14.04 0.17 23.47
N ASN A 375 -15.29 -0.27 23.45
CA ASN A 375 -16.44 0.63 23.33
C ASN A 375 -16.59 1.49 24.61
N GLU A 376 -16.29 0.87 25.73
CA GLU A 376 -16.34 1.52 27.02
C GLU A 376 -15.21 2.55 27.15
N THR A 377 -13.97 2.15 26.93
CA THR A 377 -12.85 3.06 27.00
C THR A 377 -12.97 4.19 25.96
N ALA A 378 -13.49 3.88 24.76
CA ALA A 378 -13.76 4.92 23.71
C ALA A 378 -14.71 6.04 24.14
N ALA A 379 -15.82 5.65 24.77
CA ALA A 379 -16.81 6.63 25.24
C ALA A 379 -16.21 7.62 26.26
N LYS A 380 -15.19 7.20 27.00
CA LYS A 380 -14.57 8.05 28.04
C LYS A 380 -13.79 9.20 27.44
N ALA A 381 -13.39 9.06 26.17
CA ALA A 381 -12.58 10.06 25.49
C ALA A 381 -13.40 11.25 24.98
N THR A 382 -14.73 11.09 24.93
CA THR A 382 -15.56 12.11 24.27
C THR A 382 -15.54 13.42 25.03
N ASP A 383 -15.55 13.33 26.37
CA ASP A 383 -15.46 14.53 27.24
C ASP A 383 -14.03 14.82 27.70
N GLY A 384 -13.10 14.04 27.17
CA GLY A 384 -11.69 14.22 27.40
C GLY A 384 -11.25 13.74 28.78
N SER A 385 -12.05 12.89 29.42
CA SER A 385 -11.60 12.32 30.68
C SER A 385 -10.71 11.07 30.49
N GLY A 386 -10.87 10.34 29.36
CA GLY A 386 -9.92 9.32 28.91
C GLY A 386 -9.15 9.75 27.65
N LYS A 387 -7.99 9.14 27.37
CA LYS A 387 -7.24 9.36 26.11
C LYS A 387 -7.68 8.27 25.11
N VAL A 388 -7.69 8.60 23.83
CA VAL A 388 -8.02 7.59 22.81
C VAL A 388 -7.03 6.41 22.91
N ALA A 389 -5.76 6.71 23.17
CA ALA A 389 -4.72 5.68 23.37
C ALA A 389 -5.11 4.57 24.33
N ASP A 390 -6.04 4.90 25.23
CA ASP A 390 -6.45 4.01 26.34
C ASP A 390 -7.26 2.86 25.79
N ILE A 391 -8.01 3.12 24.72
CA ILE A 391 -8.75 2.06 24.02
C ILE A 391 -7.85 0.83 23.82
N PHE A 392 -6.60 1.05 23.41
CA PHE A 392 -5.70 -0.01 23.00
C PHE A 392 -4.91 -0.59 24.15
N SER A 393 -4.59 0.24 25.15
CA SER A 393 -3.88 -0.32 26.33
C SER A 393 -4.87 -1.24 27.06
N ASP A 394 -6.11 -0.80 27.21
CA ASP A 394 -7.16 -1.65 27.78
C ASP A 394 -7.48 -2.91 26.97
N ALA A 395 -7.49 -2.78 25.64
CA ALA A 395 -7.77 -3.96 24.83
C ALA A 395 -6.65 -4.97 25.07
N GLN A 396 -5.43 -4.51 25.26
CA GLN A 396 -4.32 -5.42 25.58
C GLN A 396 -4.62 -6.27 26.80
N THR A 397 -4.97 -5.58 27.89
CA THR A 397 -5.23 -6.26 29.15
C THR A 397 -6.48 -7.15 29.07
N THR A 398 -7.58 -6.64 28.51
CA THR A 398 -8.80 -7.47 28.33
C THR A 398 -8.60 -8.68 27.38
N SER A 399 -7.81 -8.49 26.33
CA SER A 399 -7.45 -9.58 25.42
C SER A 399 -6.77 -10.69 26.24
N VAL A 400 -5.69 -10.33 26.92
CA VAL A 400 -4.93 -11.32 27.71
C VAL A 400 -5.82 -12.05 28.75
N ASP A 401 -6.63 -11.28 29.47
CA ASP A 401 -7.48 -11.83 30.55
C ASP A 401 -8.60 -12.74 30.05
N THR A 402 -9.15 -12.41 28.89
CA THR A 402 -10.20 -13.21 28.30
C THR A 402 -9.66 -14.57 27.84
N LEU A 403 -8.48 -14.59 27.24
CA LEU A 403 -7.85 -15.82 26.76
C LEU A 403 -7.51 -16.75 27.94
N LYS A 404 -6.98 -16.16 29.00
CA LYS A 404 -6.68 -16.88 30.24
C LYS A 404 -7.95 -17.43 30.87
N ASN A 405 -9.02 -16.64 30.82
CA ASN A 405 -10.32 -17.10 31.33
C ASN A 405 -10.89 -18.28 30.54
N PHE A 406 -10.62 -18.31 29.24
CA PHE A 406 -10.99 -19.42 28.34
C PHE A 406 -10.12 -20.65 28.60
N GLY A 407 -9.18 -20.51 29.53
CA GLY A 407 -8.23 -21.57 29.83
C GLY A 407 -7.18 -21.71 28.75
N LEU A 408 -7.00 -20.66 27.93
CA LEU A 408 -5.98 -20.68 26.88
C LEU A 408 -4.67 -20.04 27.31
N SER A 409 -3.58 -20.57 26.77
CA SER A 409 -2.25 -20.12 27.11
C SER A 409 -1.91 -18.81 26.38
N VAL A 410 -1.36 -17.87 27.14
CA VAL A 410 -0.97 -16.58 26.64
C VAL A 410 0.51 -16.42 26.90
N SER A 411 1.23 -15.98 25.87
CA SER A 411 2.68 -15.83 25.93
C SER A 411 3.02 -14.34 25.95
N THR B 10 22.33 -2.13 -51.43
CA THR B 10 21.82 -1.10 -50.48
C THR B 10 21.92 -1.50 -48.99
N ASP B 11 22.33 -2.74 -48.71
CA ASP B 11 22.65 -3.15 -47.31
C ASP B 11 23.89 -2.46 -46.76
N ASP B 12 24.11 -2.58 -45.45
CA ASP B 12 25.31 -2.06 -44.83
C ASP B 12 26.47 -2.91 -45.33
N GLY B 13 27.68 -2.40 -45.13
CA GLY B 13 28.91 -3.15 -45.40
C GLY B 13 28.99 -4.31 -44.43
N GLY B 14 29.90 -5.24 -44.71
CA GLY B 14 30.08 -6.44 -43.92
C GLY B 14 30.20 -6.22 -42.43
N VAL B 15 30.98 -5.21 -42.05
CA VAL B 15 31.19 -4.89 -40.63
C VAL B 15 30.60 -3.51 -40.31
N VAL B 16 29.60 -3.47 -39.42
CA VAL B 16 29.14 -2.22 -38.81
C VAL B 16 29.80 -2.07 -37.41
N ASN B 17 30.35 -0.88 -37.11
CA ASN B 17 30.98 -0.57 -35.81
C ASN B 17 30.10 0.34 -34.96
N ILE B 18 29.81 -0.11 -33.75
CA ILE B 18 28.88 0.54 -32.86
C ILE B 18 29.67 0.98 -31.63
N THR B 19 29.33 2.15 -31.10
CA THR B 19 29.91 2.59 -29.83
C THR B 19 28.83 2.83 -28.79
N TYR B 20 29.21 2.58 -27.52
CA TYR B 20 28.28 2.63 -26.41
C TYR B 20 29.02 3.21 -25.20
N MET B 21 28.58 4.38 -24.77
CA MET B 21 29.08 4.93 -23.48
C MET B 21 28.12 4.62 -22.33
N HIS B 22 28.66 4.14 -21.21
CA HIS B 22 27.86 3.75 -20.06
C HIS B 22 28.48 4.33 -18.81
N ARG B 23 27.74 4.26 -17.70
CA ARG B 23 28.28 4.59 -16.38
C ARG B 23 27.91 3.52 -15.38
N LEU B 24 28.01 2.27 -15.81
CA LEU B 24 27.97 1.11 -14.91
C LEU B 24 29.26 1.01 -14.06
N PRO B 25 29.16 0.51 -12.79
CA PRO B 25 30.26 0.60 -11.85
C PRO B 25 31.54 -0.10 -12.32
N ASP B 26 31.41 -1.25 -12.99
CA ASP B 26 32.60 -2.05 -13.36
C ASP B 26 33.56 -2.25 -12.18
N SER B 27 33.01 -2.55 -11.00
CA SER B 27 33.87 -2.83 -9.85
C SER B 27 34.47 -4.23 -9.92
N GLU B 28 35.68 -4.39 -9.37
CA GLU B 28 36.31 -5.71 -9.26
C GLU B 28 35.32 -6.79 -8.77
N GLY B 29 35.25 -7.89 -9.50
CA GLY B 29 34.34 -8.98 -9.15
C GLY B 29 33.07 -9.00 -9.97
N MET B 30 32.70 -7.84 -10.53
CA MET B 30 31.56 -7.80 -11.43
C MET B 30 31.91 -8.35 -12.81
N THR B 31 30.89 -8.75 -13.56
CA THR B 31 31.05 -9.13 -14.96
C THR B 31 31.14 -7.81 -15.69
N LEU B 32 32.34 -7.50 -16.15
CA LEU B 32 32.61 -6.15 -16.63
C LEU B 32 32.02 -5.91 -17.98
N VAL B 33 31.52 -4.69 -18.23
CA VAL B 33 30.98 -4.33 -19.53
C VAL B 33 31.81 -4.80 -20.71
N ASN B 34 33.13 -4.54 -20.71
CA ASN B 34 33.94 -4.96 -21.84
C ASN B 34 33.91 -6.47 -22.11
N ASP B 35 33.81 -7.24 -21.02
CA ASP B 35 33.66 -8.70 -21.08
C ASP B 35 32.30 -9.18 -21.56
N ILE B 36 31.23 -8.46 -21.19
CA ILE B 36 29.91 -8.74 -21.75
C ILE B 36 29.98 -8.44 -23.25
N VAL B 37 30.53 -7.26 -23.59
CA VAL B 37 30.63 -6.88 -24.99
C VAL B 37 31.52 -7.87 -25.78
N ALA B 38 32.59 -8.36 -25.17
CA ALA B 38 33.48 -9.37 -25.83
C ALA B 38 32.68 -10.59 -26.35
N LYS B 39 31.77 -11.08 -25.52
CA LYS B 39 30.84 -12.16 -25.92
C LYS B 39 30.02 -11.85 -27.16
N TRP B 40 29.41 -10.67 -27.21
CA TRP B 40 28.72 -10.22 -28.41
C TRP B 40 29.68 -10.23 -29.58
N ASN B 41 30.85 -9.61 -29.37
CA ASN B 41 31.80 -9.45 -30.49
C ASN B 41 32.23 -10.76 -31.15
N LYS B 42 32.46 -11.77 -30.31
CA LYS B 42 32.85 -13.10 -30.78
C LYS B 42 31.77 -13.76 -31.65
N GLN B 43 30.49 -13.51 -31.32
CA GLN B 43 29.39 -14.09 -32.05
C GLN B 43 29.04 -13.26 -33.27
N HIS B 44 29.39 -11.95 -33.25
CA HIS B 44 28.97 -11.04 -34.34
C HIS B 44 30.04 -10.21 -35.03
N PRO B 45 30.83 -10.85 -35.92
CA PRO B 45 31.82 -10.09 -36.68
C PRO B 45 31.14 -8.98 -37.48
N ASP B 46 29.82 -9.13 -37.69
CA ASP B 46 29.09 -8.20 -38.56
C ASP B 46 28.65 -6.93 -37.85
N ILE B 47 28.69 -6.97 -36.52
CA ILE B 47 28.28 -5.86 -35.70
C ILE B 47 29.24 -5.77 -34.54
N GLN B 48 30.32 -4.97 -34.72
CA GLN B 48 31.32 -4.93 -33.69
C GLN B 48 31.08 -3.74 -32.78
N VAL B 49 31.22 -3.96 -31.48
CA VAL B 49 30.87 -2.93 -30.51
C VAL B 49 32.05 -2.56 -29.62
N LYS B 50 32.19 -1.27 -29.34
CA LYS B 50 33.17 -0.82 -28.36
C LYS B 50 32.45 0.00 -27.33
N ALA B 51 32.56 -0.41 -26.07
CA ALA B 51 31.90 0.29 -24.98
C ALA B 51 32.94 1.05 -24.18
N THR B 52 32.55 2.19 -23.62
CA THR B 52 33.43 2.98 -22.75
C THR B 52 32.68 3.47 -21.53
N LYS B 53 33.34 3.36 -20.38
CA LYS B 53 32.84 3.89 -19.11
C LYS B 53 33.14 5.39 -18.93
N PHE B 54 32.09 6.15 -18.62
CA PHE B 54 32.23 7.58 -18.42
C PHE B 54 33.17 7.85 -17.24
N ASP B 55 34.13 8.75 -17.46
CA ASP B 55 35.14 9.10 -16.48
C ASP B 55 34.79 10.03 -15.32
N GLY B 56 33.65 10.72 -15.38
CA GLY B 56 33.35 11.68 -14.32
C GLY B 56 32.17 11.27 -13.44
N LYS B 57 31.60 12.28 -12.78
CA LYS B 57 30.48 12.12 -11.85
C LYS B 57 29.21 11.73 -12.61
N ALA B 58 28.43 10.82 -12.03
CA ALA B 58 27.26 10.28 -12.73
C ALA B 58 26.43 11.36 -13.45
N SER B 59 26.09 12.41 -12.73
CA SER B 59 25.20 13.44 -13.25
C SER B 59 25.82 14.37 -14.34
N ASP B 60 27.14 14.26 -14.55
CA ASP B 60 27.79 15.03 -15.61
C ASP B 60 27.84 14.30 -16.94
N MET B 61 27.50 13.01 -16.94
CA MET B 61 27.56 12.27 -18.19
C MET B 61 26.72 12.92 -19.30
N ILE B 62 25.48 13.31 -19.00
CA ILE B 62 24.66 13.91 -20.04
C ILE B 62 25.15 15.28 -20.55
N LYS B 63 25.94 15.96 -19.71
CA LYS B 63 26.64 17.20 -20.14
C LYS B 63 27.69 16.86 -21.19
N LYS B 64 28.54 15.86 -20.88
CA LYS B 64 29.49 15.33 -21.88
C LYS B 64 28.78 14.89 -23.15
N LEU B 65 27.64 14.20 -23.02
CA LEU B 65 26.93 13.73 -24.21
C LEU B 65 26.49 14.86 -25.10
N GLU B 66 25.97 15.92 -24.49
CA GLU B 66 25.40 17.04 -25.21
C GLU B 66 26.52 17.71 -26.01
N THR B 67 27.64 17.90 -25.34
CA THR B 67 28.87 18.40 -25.99
C THR B 67 29.33 17.51 -27.16
N ASP B 68 29.31 16.19 -26.95
CA ASP B 68 29.73 15.24 -27.97
C ASP B 68 28.85 15.26 -29.20
N VAL B 69 27.52 15.35 -28.99
CA VAL B 69 26.55 15.40 -30.07
C VAL B 69 26.76 16.67 -30.88
N LYS B 70 26.91 17.80 -30.19
CA LYS B 70 27.14 19.10 -30.86
C LYS B 70 28.39 19.07 -31.72
N SER B 71 29.43 18.40 -31.24
CA SER B 71 30.70 18.33 -31.95
C SER B 71 30.78 17.16 -32.93
N GLY B 72 29.73 16.33 -32.96
CA GLY B 72 29.69 15.18 -33.87
C GLY B 72 30.68 14.09 -33.51
N GLU B 73 30.97 13.93 -32.24
CA GLU B 73 31.79 12.78 -31.79
C GLU B 73 31.08 11.90 -30.73
N ALA B 74 29.76 11.95 -30.72
CA ALA B 74 28.97 11.16 -29.80
C ALA B 74 28.96 9.66 -30.17
N PRO B 75 28.76 8.77 -29.17
CA PRO B 75 28.57 7.35 -29.50
C PRO B 75 27.21 7.12 -30.17
N ASP B 76 27.07 5.96 -30.82
CA ASP B 76 25.75 5.49 -31.19
C ASP B 76 24.79 5.36 -30.01
N LEU B 77 25.28 4.82 -28.89
CA LEU B 77 24.45 4.45 -27.75
C LEU B 77 25.03 5.08 -26.48
N ALA B 78 24.15 5.61 -25.62
CA ALA B 78 24.60 6.11 -24.31
C ALA B 78 23.60 5.88 -23.20
N GLN B 79 24.08 5.51 -22.02
CA GLN B 79 23.23 5.43 -20.86
C GLN B 79 22.57 6.81 -20.55
N VAL B 80 21.27 6.80 -20.28
CA VAL B 80 20.48 8.01 -20.03
C VAL B 80 19.45 7.61 -18.96
N GLY B 81 19.50 8.21 -17.77
CA GLY B 81 18.52 7.83 -16.75
C GLY B 81 17.14 8.21 -17.24
N TYR B 82 16.10 7.52 -16.74
CA TYR B 82 14.73 7.91 -17.10
C TYR B 82 14.50 9.34 -16.74
N ALA B 83 14.98 9.75 -15.56
CA ALA B 83 14.89 11.16 -15.16
C ALA B 83 15.58 12.19 -16.10
N GLU B 84 16.59 11.74 -16.88
CA GLU B 84 17.40 12.59 -17.77
C GLU B 84 16.84 12.60 -19.20
N LEU B 85 16.00 11.62 -19.52
CA LEU B 85 15.57 11.41 -20.90
C LEU B 85 14.74 12.58 -21.45
N PRO B 86 13.73 13.09 -20.66
CA PRO B 86 12.98 14.26 -21.13
C PRO B 86 13.92 15.44 -21.42
N GLU B 87 14.99 15.57 -20.63
CA GLU B 87 15.96 16.67 -20.79
C GLU B 87 16.75 16.56 -22.09
N VAL B 88 17.36 15.40 -22.33
CA VAL B 88 18.16 15.20 -23.52
C VAL B 88 17.29 15.14 -24.76
N PHE B 89 16.04 14.67 -24.61
CA PHE B 89 15.09 14.68 -25.73
C PHE B 89 14.79 16.12 -26.19
N THR B 90 14.51 17.00 -25.24
CA THR B 90 14.21 18.40 -25.51
C THR B 90 15.41 19.15 -26.07
N LYS B 91 16.62 18.69 -25.75
CA LYS B 91 17.84 19.27 -26.27
C LYS B 91 18.15 18.75 -27.67
N GLY B 92 17.34 17.80 -28.12
CA GLY B 92 17.42 17.22 -29.50
C GLY B 92 18.54 16.22 -29.70
N LEU B 93 18.99 15.59 -28.62
CA LEU B 93 20.20 14.73 -28.65
C LEU B 93 19.89 13.28 -29.02
N LEU B 94 18.61 12.96 -29.09
CA LEU B 94 18.16 11.58 -29.27
C LEU B 94 17.69 11.28 -30.69
N GLN B 95 17.68 10.00 -31.06
CA GLN B 95 17.16 9.58 -32.37
C GLN B 95 15.95 8.70 -32.20
N ASP B 96 14.88 9.03 -32.95
CA ASP B 96 13.62 8.26 -32.91
C ASP B 96 13.85 6.85 -33.49
N VAL B 97 13.73 5.85 -32.64
CA VAL B 97 13.95 4.47 -33.06
C VAL B 97 12.73 3.58 -32.83
N THR B 98 11.53 4.19 -32.85
CA THR B 98 10.30 3.44 -32.60
C THR B 98 10.21 2.18 -33.46
N GLN B 99 10.57 2.30 -34.74
CA GLN B 99 10.42 1.17 -35.66
C GLN B 99 11.28 -0.06 -35.33
N TYR B 100 12.29 0.13 -34.50
CA TYR B 100 13.21 -0.94 -34.07
C TYR B 100 12.84 -1.35 -32.64
N ALA B 101 12.50 -0.38 -31.79
CA ALA B 101 12.16 -0.67 -30.40
C ALA B 101 10.93 -1.60 -30.31
N GLU B 102 10.04 -1.44 -31.29
CA GLU B 102 8.77 -2.19 -31.38
C GLU B 102 9.07 -3.69 -31.47
N GLN B 103 10.21 -4.05 -32.05
CA GLN B 103 10.58 -5.46 -32.21
C GLN B 103 10.98 -6.09 -30.92
N TYR B 104 11.52 -5.29 -30.01
CA TYR B 104 12.09 -5.82 -28.75
C TYR B 104 11.25 -5.61 -27.49
N LYS B 105 10.13 -4.90 -27.67
CA LYS B 105 9.33 -4.43 -26.57
C LYS B 105 8.99 -5.56 -25.58
N ASN B 106 8.77 -6.76 -26.09
CA ASN B 106 8.25 -7.81 -25.21
C ASN B 106 9.35 -8.47 -24.37
N ASP B 107 10.61 -8.04 -24.58
CA ASP B 107 11.73 -8.46 -23.76
C ASP B 107 11.76 -7.77 -22.39
N PHE B 108 10.94 -6.74 -22.21
CA PHE B 108 11.06 -5.79 -21.11
C PHE B 108 9.74 -5.54 -20.37
N ALA B 109 9.80 -5.21 -19.07
CA ALA B 109 8.62 -4.76 -18.34
C ALA B 109 7.95 -3.55 -18.98
N SER B 110 6.62 -3.46 -18.93
CA SER B 110 5.90 -2.40 -19.64
C SER B 110 6.17 -1.00 -19.11
N GLY B 111 6.32 -0.88 -17.79
CA GLY B 111 6.60 0.41 -17.15
C GLY B 111 7.90 1.02 -17.60
N PRO B 112 9.02 0.32 -17.38
CA PRO B 112 10.30 0.82 -17.90
C PRO B 112 10.29 1.06 -19.42
N TYR B 113 9.65 0.16 -20.17
CA TYR B 113 9.58 0.39 -21.61
C TYR B 113 8.85 1.71 -21.95
N SER B 114 7.79 2.02 -21.20
CA SER B 114 7.08 3.30 -21.41
C SER B 114 7.98 4.55 -21.14
N LEU B 115 9.06 4.36 -20.38
CA LEU B 115 9.94 5.46 -19.97
C LEU B 115 11.03 5.76 -21.00
N VAL B 116 11.07 4.98 -22.09
CA VAL B 116 12.02 5.33 -23.17
C VAL B 116 11.29 6.04 -24.31
N GLN B 117 10.02 6.38 -24.04
CA GLN B 117 9.11 7.01 -25.00
C GLN B 117 8.77 8.45 -24.66
N VAL B 118 8.73 9.28 -25.69
CA VAL B 118 8.22 10.65 -25.62
C VAL B 118 7.29 10.84 -26.80
N GLY B 119 6.01 11.07 -26.49
CA GLY B 119 5.01 11.37 -27.51
C GLY B 119 4.79 10.25 -28.49
N GLY B 120 4.59 9.05 -27.95
CA GLY B 120 4.43 7.84 -28.75
C GLY B 120 5.67 7.33 -29.47
N LYS B 121 6.80 8.03 -29.34
CA LYS B 121 8.02 7.60 -30.03
C LYS B 121 9.05 7.06 -29.03
N ALA B 122 9.78 6.02 -29.45
CA ALA B 122 10.76 5.35 -28.59
C ALA B 122 12.17 5.84 -28.95
N TYR B 123 13.02 6.02 -27.93
CA TYR B 123 14.35 6.60 -28.11
C TYR B 123 15.48 5.67 -27.69
N GLY B 124 15.14 4.43 -27.30
CA GLY B 124 16.14 3.41 -26.84
C GLY B 124 15.42 2.23 -26.21
N LEU B 125 16.12 1.53 -25.29
CA LEU B 125 15.48 0.46 -24.54
C LEU B 125 15.82 0.62 -23.08
N PRO B 126 14.91 0.21 -22.19
CA PRO B 126 15.15 0.34 -20.76
C PRO B 126 16.18 -0.69 -20.30
N GLN B 127 16.90 -0.36 -19.25
CA GLN B 127 17.96 -1.25 -18.78
C GLN B 127 17.70 -1.75 -17.38
N ASP B 128 17.34 -0.83 -16.47
CA ASP B 128 17.23 -1.19 -15.05
C ASP B 128 16.19 -0.27 -14.35
N THR B 129 15.82 -0.58 -13.09
CA THR B 129 14.92 0.28 -12.33
C THR B 129 15.55 0.53 -10.99
N GLY B 130 15.16 1.64 -10.38
CA GLY B 130 15.78 2.05 -9.13
C GLY B 130 14.83 2.26 -7.98
N PRO B 131 14.07 1.20 -7.58
CA PRO B 131 13.19 1.47 -6.48
C PRO B 131 13.94 1.61 -5.13
N LEU B 132 13.43 2.49 -4.27
CA LEU B 132 14.03 2.71 -2.96
C LEU B 132 13.56 1.70 -1.94
N VAL B 133 14.54 1.20 -1.18
CA VAL B 133 14.31 0.20 -0.15
C VAL B 133 15.06 0.61 1.09
N TYR B 134 15.08 -0.27 2.07
CA TYR B 134 15.75 0.00 3.35
C TYR B 134 16.77 -1.11 3.64
N PHE B 135 18.04 -0.73 3.81
CA PHE B 135 19.06 -1.73 4.21
C PHE B 135 19.28 -1.58 5.69
N TYR B 136 19.27 -2.69 6.42
CA TYR B 136 19.62 -2.59 7.85
C TYR B 136 20.30 -3.82 8.44
N ASN B 137 20.98 -3.56 9.55
CA ASN B 137 21.62 -4.63 10.30
C ASN B 137 20.67 -5.16 11.37
N LYS B 138 20.05 -6.29 11.06
CA LYS B 138 19.07 -6.89 11.95
C LYS B 138 19.69 -7.33 13.31
N ALA B 139 20.89 -7.93 13.30
CA ALA B 139 21.59 -8.24 14.57
C ALA B 139 21.71 -7.02 15.47
N GLU B 140 22.13 -5.91 14.87
CA GLU B 140 22.33 -4.67 15.60
C GLU B 140 20.99 -4.05 16.06
N PHE B 141 19.94 -4.22 15.27
CA PHE B 141 18.58 -3.80 15.71
C PHE B 141 18.16 -4.60 16.98
N GLU B 142 18.41 -5.91 16.96
CA GLU B 142 18.02 -6.81 18.05
C GLU B 142 18.69 -6.45 19.38
N LYS B 143 19.97 -6.05 19.33
CA LYS B 143 20.72 -5.59 20.51
C LYS B 143 20.13 -4.35 21.16
N LEU B 144 19.53 -3.49 20.34
CA LEU B 144 18.89 -2.28 20.83
C LEU B 144 17.44 -2.52 21.20
N GLY B 145 16.96 -3.75 21.01
CA GLY B 145 15.57 -4.08 21.29
C GLY B 145 14.59 -3.69 20.20
N ILE B 146 15.10 -3.34 19.02
CA ILE B 146 14.23 -2.98 17.90
C ILE B 146 13.96 -4.29 17.18
N THR B 147 12.87 -4.94 17.58
CA THR B 147 12.58 -6.30 17.14
C THR B 147 11.80 -6.35 15.84
N GLU B 148 11.15 -5.25 15.48
CA GLU B 148 10.52 -5.10 14.18
C GLU B 148 10.85 -3.70 13.67
N ILE B 149 10.90 -3.50 12.36
CA ILE B 149 11.18 -2.19 11.85
C ILE B 149 9.89 -1.37 12.02
N PRO B 150 9.96 -0.23 12.74
CA PRO B 150 8.77 0.58 13.01
C PRO B 150 8.26 1.14 11.69
N GLN B 151 6.94 1.11 11.49
CA GLN B 151 6.34 1.35 10.15
C GLN B 151 5.76 2.74 10.00
N THR B 152 5.70 3.48 11.10
CA THR B 152 5.27 4.88 11.09
C THR B 152 6.43 5.84 11.35
N ALA B 153 6.29 7.07 10.88
CA ALA B 153 7.36 8.06 11.00
C ALA B 153 7.67 8.27 12.49
N ASP B 154 6.62 8.37 13.32
CA ASP B 154 6.83 8.73 14.73
C ASP B 154 7.52 7.59 15.49
N GLU B 155 7.17 6.34 15.21
CA GLU B 155 7.77 5.21 15.91
C GLU B 155 9.18 4.91 15.41
N PHE B 156 9.41 5.23 14.13
CA PHE B 156 10.76 5.18 13.60
C PHE B 156 11.67 6.23 14.25
N ILE B 157 11.18 7.46 14.34
CA ILE B 157 11.95 8.55 14.97
C ILE B 157 12.28 8.20 16.45
N ALA B 158 11.28 7.67 17.16
CA ALA B 158 11.47 7.18 18.52
C ALA B 158 12.57 6.10 18.62
N ALA B 159 12.60 5.19 17.67
CA ALA B 159 13.57 4.09 17.63
C ALA B 159 14.96 4.59 17.26
N ALA B 160 15.00 5.63 16.41
CA ALA B 160 16.26 6.26 15.97
C ALA B 160 16.98 6.98 17.10
N LYS B 161 16.20 7.65 17.94
CA LYS B 161 16.70 8.32 19.13
C LYS B 161 17.37 7.34 20.10
N THR B 162 16.74 6.19 20.36
CA THR B 162 17.34 5.18 21.21
C THR B 162 18.64 4.64 20.60
N ALA B 163 18.65 4.41 19.29
CA ALA B 163 19.85 3.91 18.63
C ALA B 163 20.95 4.95 18.73
N ALA B 164 20.61 6.23 18.56
CA ALA B 164 21.62 7.30 18.60
C ALA B 164 22.23 7.47 20.01
N ALA B 165 21.42 7.20 21.04
CA ALA B 165 21.92 7.17 22.44
C ALA B 165 23.02 6.09 22.61
N ALA B 166 22.98 5.05 21.78
CA ALA B 166 23.94 3.95 21.89
C ALA B 166 25.04 4.01 20.82
N GLY B 167 25.21 5.19 20.22
CA GLY B 167 26.20 5.44 19.16
C GLY B 167 25.89 4.77 17.82
N LYS B 168 24.63 4.39 17.63
CA LYS B 168 24.19 3.70 16.41
C LYS B 168 23.19 4.54 15.64
N TYR B 169 23.19 4.46 14.30
CA TYR B 169 22.32 5.29 13.47
C TYR B 169 21.48 4.43 12.54
N ILE B 170 20.15 4.55 12.64
CA ILE B 170 19.28 3.76 11.78
C ILE B 170 18.82 4.53 10.48
N MET B 171 19.45 5.66 10.22
CA MET B 171 19.15 6.41 9.02
C MET B 171 20.34 7.24 8.70
N SER B 172 20.56 7.47 7.42
CA SER B 172 21.52 8.46 6.94
C SER B 172 20.77 9.59 6.25
N TYR B 173 21.33 10.80 6.35
CA TYR B 173 20.89 11.94 5.59
C TYR B 173 22.00 12.23 4.58
N GLN B 174 21.69 12.03 3.29
CA GLN B 174 22.69 12.13 2.25
C GLN B 174 22.48 13.40 1.41
N PRO B 175 23.18 14.51 1.79
CA PRO B 175 22.93 15.74 1.06
C PRO B 175 23.34 15.69 -0.40
N ASP B 176 24.35 14.88 -0.75
CA ASP B 176 24.83 14.85 -2.11
C ASP B 176 23.91 14.02 -3.01
N GLU B 177 22.96 13.31 -2.40
CA GLU B 177 21.96 12.55 -3.16
C GLU B 177 20.53 13.08 -2.97
N ALA B 178 20.37 14.30 -2.43
CA ALA B 178 18.99 14.85 -2.20
C ALA B 178 18.15 14.87 -3.47
N GLY B 179 18.74 15.37 -4.54
CA GLY B 179 18.15 15.39 -5.88
C GLY B 179 17.50 14.10 -6.37
N ASN B 180 18.17 12.96 -6.14
CA ASN B 180 17.72 11.66 -6.63
C ASN B 180 16.95 10.84 -5.61
N MET B 181 17.42 10.84 -4.37
CA MET B 181 16.83 10.03 -3.32
C MET B 181 15.57 10.72 -2.72
N ILE B 182 15.73 11.98 -2.34
CA ILE B 182 14.66 12.71 -1.68
C ILE B 182 13.51 13.09 -2.62
N SER B 183 13.82 13.43 -3.87
CA SER B 183 12.81 13.53 -4.95
C SER B 183 11.97 12.25 -4.98
N GLY B 184 12.67 11.11 -4.98
CA GLY B 184 11.97 9.83 -5.06
C GLY B 184 11.12 9.49 -3.86
N LEU B 185 11.62 9.85 -2.66
CA LEU B 185 10.87 9.56 -1.44
C LEU B 185 9.59 10.43 -1.39
N ALA B 186 9.74 11.70 -1.74
CA ALA B 186 8.58 12.64 -1.74
C ALA B 186 7.67 12.29 -2.92
N GLY B 187 8.29 11.94 -4.04
CA GLY B 187 7.62 11.49 -5.26
C GLY B 187 6.76 10.23 -5.16
N ALA B 188 7.06 9.34 -4.21
CA ALA B 188 6.31 8.10 -3.98
C ALA B 188 4.77 8.33 -3.90
N SER B 189 4.38 9.45 -3.32
CA SER B 189 2.96 9.73 -3.06
C SER B 189 2.30 10.70 -4.06
N GLY B 190 3.06 11.22 -5.02
CA GLY B 190 2.45 12.04 -6.09
C GLY B 190 3.48 12.84 -6.83
N GLY B 191 3.18 13.20 -8.08
CA GLY B 191 4.08 13.97 -8.89
C GLY B 191 4.27 15.44 -8.53
N TRP B 192 5.36 16.00 -9.04
CA TRP B 192 5.70 17.40 -8.94
C TRP B 192 5.43 18.13 -10.25
N TYR B 193 5.41 17.38 -11.35
CA TYR B 193 5.39 17.96 -12.68
C TYR B 193 4.30 17.34 -13.54
N LYS B 194 3.38 18.17 -14.05
CA LYS B 194 2.31 17.70 -14.91
C LYS B 194 2.13 18.60 -16.13
N VAL B 195 2.02 18.01 -17.32
CA VAL B 195 1.69 18.79 -18.51
C VAL B 195 0.18 19.00 -18.55
N LYS B 196 -0.24 20.25 -18.49
CA LYS B 196 -1.65 20.57 -18.62
C LYS B 196 -1.77 21.36 -19.92
N GLY B 197 -2.22 20.63 -20.95
CA GLY B 197 -2.08 20.98 -22.35
C GLY B 197 -1.47 22.33 -22.63
N ASP B 198 -0.21 22.35 -23.06
CA ASP B 198 0.50 23.57 -23.54
C ASP B 198 1.62 24.04 -22.58
N SER B 199 1.36 23.95 -21.28
CA SER B 199 2.34 24.38 -20.28
C SER B 199 2.56 23.30 -19.21
N TRP B 200 3.63 23.48 -18.43
CA TRP B 200 3.88 22.66 -17.24
C TRP B 200 3.23 23.26 -16.03
N VAL B 201 2.67 22.42 -15.19
CA VAL B 201 2.21 22.78 -13.87
C VAL B 201 3.21 22.19 -12.86
N VAL B 202 3.84 23.07 -12.08
CA VAL B 202 4.96 22.71 -11.18
C VAL B 202 4.55 22.90 -9.72
N ASN B 203 4.54 21.81 -8.94
CA ASN B 203 4.43 21.89 -7.48
C ASN B 203 5.24 20.83 -6.72
N THR B 204 6.46 21.24 -6.35
CA THR B 204 7.41 20.39 -5.65
C THR B 204 7.18 20.40 -4.14
N GLU B 205 6.13 21.09 -3.68
CA GLU B 205 5.89 21.20 -2.25
C GLU B 205 4.58 20.54 -1.85
N THR B 206 4.46 19.27 -2.23
CA THR B 206 3.28 18.43 -1.99
C THR B 206 3.25 17.93 -0.55
N ASP B 207 2.16 17.29 -0.14
CA ASP B 207 2.07 16.65 1.17
C ASP B 207 3.21 15.63 1.44
N GLY B 208 3.61 14.88 0.42
CA GLY B 208 4.77 13.95 0.52
C GLY B 208 6.11 14.65 0.69
N SER B 209 6.28 15.77 0.02
CA SER B 209 7.45 16.61 0.25
C SER B 209 7.46 17.10 1.69
N LYS B 210 6.33 17.63 2.18
CA LYS B 210 6.25 18.12 3.54
C LYS B 210 6.51 17.02 4.58
N ALA B 211 6.02 15.81 4.31
CA ALA B 211 6.20 14.70 5.25
C ALA B 211 7.65 14.19 5.26
N THR B 212 8.28 14.21 4.09
CA THR B 212 9.72 13.82 3.91
C THR B 212 10.66 14.86 4.57
N ALA B 213 10.40 16.16 4.33
CA ALA B 213 11.14 17.23 5.03
C ALA B 213 11.05 17.06 6.56
N ASP B 214 9.86 16.76 7.07
CA ASP B 214 9.66 16.68 8.51
C ASP B 214 10.39 15.48 9.14
N PHE B 215 10.33 14.33 8.47
CA PHE B 215 11.04 13.11 8.89
C PHE B 215 12.50 13.42 9.10
N TYR B 216 13.14 13.97 8.08
CA TYR B 216 14.59 14.26 8.12
C TYR B 216 14.92 15.38 9.13
N GLN B 217 14.04 16.39 9.23
CA GLN B 217 14.26 17.50 10.18
C GLN B 217 14.29 17.03 11.61
N GLN B 218 13.33 16.19 12.00
CA GLN B 218 13.29 15.65 13.33
C GLN B 218 14.53 14.80 13.63
N LEU B 219 14.95 13.99 12.67
CA LEU B 219 16.11 13.11 12.88
C LEU B 219 17.39 13.93 13.06
N LEU B 220 17.57 14.94 12.22
CA LEU B 220 18.72 15.85 12.31
C LEU B 220 18.70 16.65 13.61
N ASP B 221 17.52 17.14 14.00
CA ASP B 221 17.39 17.97 15.20
C ASP B 221 17.70 17.12 16.42
N ALA B 222 17.46 15.81 16.29
CA ALA B 222 17.70 14.88 17.39
C ALA B 222 19.10 14.27 17.28
N LYS B 223 19.89 14.76 16.33
CA LYS B 223 21.22 14.19 16.03
C LYS B 223 21.11 12.65 15.88
N ALA B 224 20.10 12.20 15.15
CA ALA B 224 19.82 10.76 15.07
C ALA B 224 19.91 10.21 13.62
N ALA B 225 20.60 10.93 12.75
CA ALA B 225 20.96 10.40 11.45
C ALA B 225 22.39 10.82 11.15
N THR B 226 23.13 10.00 10.41
CA THR B 226 24.42 10.49 9.92
C THR B 226 24.21 11.57 8.86
N THR B 227 25.22 12.40 8.62
CA THR B 227 25.13 13.50 7.68
C THR B 227 26.27 13.48 6.68
N ASN B 228 27.04 12.37 6.66
CA ASN B 228 28.12 12.18 5.71
C ASN B 228 27.57 12.05 4.30
N PRO B 229 28.13 12.77 3.33
CA PRO B 229 27.75 12.62 1.92
C PRO B 229 27.92 11.17 1.44
N ARG B 230 26.92 10.65 0.71
CA ARG B 230 26.92 9.26 0.23
C ARG B 230 28.22 8.80 -0.40
N TRP B 231 28.82 9.65 -1.23
CA TRP B 231 29.98 9.27 -2.06
C TRP B 231 31.34 9.65 -1.44
N ASP B 232 31.31 10.23 -0.25
CA ASP B 232 32.50 10.55 0.57
C ASP B 232 32.96 9.36 1.41
N PRO B 233 34.27 9.22 1.59
CA PRO B 233 34.88 8.16 2.39
C PRO B 233 34.28 8.07 3.79
N SER B 234 33.77 9.18 4.30
CA SER B 234 33.20 9.24 5.64
C SER B 234 31.92 8.40 5.70
N PHE B 235 31.28 8.20 4.56
CA PHE B 235 30.06 7.35 4.52
C PHE B 235 30.52 5.90 4.63
N ASP B 236 31.50 5.50 3.80
CA ASP B 236 32.13 4.17 3.95
C ASP B 236 32.57 3.88 5.38
N ALA B 237 33.31 4.82 5.97
CA ALA B 237 33.80 4.72 7.37
C ALA B 237 32.71 4.46 8.40
N SER B 238 31.56 5.16 8.31
CA SER B 238 30.41 4.85 9.18
C SER B 238 29.82 3.44 9.06
N ILE B 239 29.86 2.81 7.88
CA ILE B 239 29.43 1.42 7.76
C ILE B 239 30.54 0.52 8.34
N LYS B 240 31.79 0.85 8.01
CA LYS B 240 32.94 0.00 8.40
C LYS B 240 33.10 -0.08 9.94
N ASP B 241 32.81 1.03 10.62
CA ASP B 241 33.01 1.14 12.07
C ASP B 241 31.78 0.73 12.88
N GLY B 242 30.74 0.27 12.18
CA GLY B 242 29.55 -0.26 12.83
C GLY B 242 28.55 0.80 13.30
N SER B 243 28.81 2.09 13.06
CA SER B 243 27.85 3.12 13.56
C SER B 243 26.57 3.28 12.72
N LEU B 244 26.71 3.30 11.39
CA LEU B 244 25.54 3.23 10.49
C LEU B 244 25.01 1.81 10.37
N ILE B 245 23.81 1.58 10.92
CA ILE B 245 23.20 0.26 10.90
C ILE B 245 21.84 0.20 10.18
N GLY B 246 21.41 1.34 9.67
CA GLY B 246 20.25 1.38 8.75
C GLY B 246 20.23 2.60 7.87
N THR B 247 19.70 2.43 6.66
CA THR B 247 19.50 3.55 5.76
C THR B 247 18.62 3.19 4.56
N VAL B 248 17.88 4.18 4.07
CA VAL B 248 17.34 4.15 2.70
C VAL B 248 18.49 3.96 1.71
N ALA B 249 18.20 3.19 0.65
CA ALA B 249 19.12 3.01 -0.43
C ALA B 249 18.30 2.68 -1.66
N ALA B 250 18.79 3.16 -2.79
CA ALA B 250 18.32 2.70 -4.08
C ALA B 250 18.69 1.21 -4.27
N ALA B 251 17.80 0.37 -4.82
CA ALA B 251 18.10 -1.08 -4.98
C ALA B 251 19.48 -1.39 -5.61
N TRP B 252 19.83 -0.64 -6.65
CA TRP B 252 21.13 -0.80 -7.34
C TRP B 252 22.39 -0.55 -6.51
N GLU B 253 22.22 -0.01 -5.29
CA GLU B 253 23.32 0.24 -4.39
C GLU B 253 23.95 -1.03 -3.78
N ALA B 254 23.27 -2.16 -3.91
CA ALA B 254 23.57 -3.30 -3.05
C ALA B 254 25.08 -3.73 -3.10
N PRO B 255 25.65 -3.95 -4.29
CA PRO B 255 27.09 -4.35 -4.28
C PRO B 255 28.04 -3.19 -3.92
N LEU B 256 27.61 -1.95 -4.16
CA LEU B 256 28.44 -0.76 -3.86
C LEU B 256 28.51 -0.64 -2.32
N PHE B 257 27.37 -0.81 -1.67
CA PHE B 257 27.26 -0.77 -0.22
C PHE B 257 28.05 -1.92 0.41
N MET B 258 27.97 -3.09 -0.20
CA MET B 258 28.67 -4.29 0.30
C MET B 258 30.18 -4.03 0.30
N THR B 259 30.68 -3.50 -0.79
CA THR B 259 32.09 -3.10 -0.87
C THR B 259 32.46 -2.03 0.17
N SER B 260 31.64 -0.98 0.29
CA SER B 260 31.89 0.10 1.25
C SER B 260 31.99 -0.38 2.68
N SER B 261 31.26 -1.44 3.03
CA SER B 261 31.21 -1.94 4.39
C SER B 261 32.52 -2.57 4.85
N GLY B 262 33.31 -3.02 3.90
CA GLY B 262 34.59 -3.70 4.24
C GLY B 262 34.33 -5.03 4.92
N GLY B 263 33.09 -5.49 4.82
CA GLY B 263 32.65 -6.75 5.42
C GLY B 263 31.99 -6.65 6.76
N THR B 264 31.93 -5.44 7.33
CA THR B 264 31.30 -5.18 8.61
C THR B 264 29.81 -5.52 8.48
N GLY B 265 29.34 -6.31 9.44
CA GLY B 265 27.97 -6.84 9.45
C GLY B 265 27.68 -7.97 8.46
N SER B 266 28.69 -8.48 7.74
CA SER B 266 28.42 -9.54 6.77
C SER B 266 27.63 -10.63 7.50
N GLY B 267 26.58 -11.12 6.85
CA GLY B 267 25.70 -12.15 7.42
C GLY B 267 24.57 -11.59 8.25
N GLU B 268 24.64 -10.31 8.59
CA GLU B 268 23.68 -9.67 9.47
C GLU B 268 22.79 -8.65 8.74
N TRP B 269 23.12 -8.30 7.49
CA TRP B 269 22.35 -7.28 6.78
C TRP B 269 21.03 -7.84 6.24
N GLN B 270 20.05 -6.95 6.11
CA GLN B 270 18.77 -7.32 5.55
C GLN B 270 18.28 -6.20 4.62
N VAL B 271 17.55 -6.55 3.58
CA VAL B 271 16.76 -5.59 2.81
C VAL B 271 15.28 -5.64 3.28
N ALA B 272 14.67 -4.46 3.50
CA ALA B 272 13.23 -4.42 3.76
C ALA B 272 12.62 -3.30 2.90
N GLN B 273 11.31 -3.31 2.81
CA GLN B 273 10.60 -2.27 2.07
C GLN B 273 10.65 -1.01 2.93
N LEU B 274 10.50 0.17 2.32
CA LEU B 274 10.32 1.41 3.09
C LEU B 274 9.12 1.31 4.00
N GLY B 275 9.25 1.84 5.23
CA GLY B 275 8.11 1.94 6.14
C GLY B 275 7.35 3.15 5.61
N ASP B 276 6.28 3.49 6.30
CA ASP B 276 5.45 4.63 5.90
C ASP B 276 5.96 5.89 6.59
N TRP B 277 7.18 6.31 6.22
CA TRP B 277 7.90 7.39 6.94
C TRP B 277 7.82 8.75 6.25
N PHE B 278 7.41 8.76 4.98
CA PHE B 278 7.60 9.94 4.14
C PHE B 278 6.28 10.49 3.59
N GLY B 279 5.17 10.10 4.23
CA GLY B 279 3.83 10.35 3.71
C GLY B 279 3.61 9.53 2.44
N ASN B 280 4.31 8.40 2.32
CA ASN B 280 4.30 7.64 1.07
C ASN B 280 3.18 6.59 0.98
N ALA B 281 2.50 6.36 2.11
CA ALA B 281 1.33 5.47 2.16
C ALA B 281 1.62 4.11 1.54
N GLY B 282 2.72 3.49 1.96
CA GLY B 282 2.99 2.15 1.49
C GLY B 282 3.69 2.08 0.15
N LYS B 283 3.71 3.19 -0.59
CA LYS B 283 4.39 3.22 -1.86
C LYS B 283 5.90 3.45 -1.66
N THR B 284 6.67 3.04 -2.64
CA THR B 284 8.05 3.55 -2.73
C THR B 284 8.16 4.44 -3.97
N GLY B 285 9.36 4.98 -4.25
CA GLY B 285 9.58 5.83 -5.40
C GLY B 285 10.94 5.53 -6.05
N PRO B 286 11.15 6.08 -7.27
CA PRO B 286 12.33 5.82 -8.05
C PRO B 286 13.52 6.67 -7.58
N ASP B 287 14.70 6.11 -7.73
CA ASP B 287 15.91 6.85 -7.50
C ASP B 287 16.85 6.27 -8.52
N GLY B 288 17.02 7.03 -9.62
CA GLY B 288 17.80 6.53 -10.72
C GLY B 288 17.02 5.44 -11.46
N GLY B 289 17.76 4.50 -12.01
CA GLY B 289 17.23 3.62 -13.07
C GLY B 289 17.46 4.30 -14.40
N SER B 290 17.89 3.53 -15.39
CA SER B 290 18.31 4.12 -16.65
C SER B 290 17.88 3.30 -17.87
N ALA B 291 17.90 3.99 -19.00
CA ALA B 291 17.76 3.43 -20.31
C ALA B 291 19.13 3.51 -21.01
N VAL B 292 19.22 2.93 -22.21
CA VAL B 292 20.32 3.28 -23.09
C VAL B 292 19.63 3.81 -24.33
N ALA B 293 20.00 5.02 -24.74
CA ALA B 293 19.32 5.70 -25.85
C ALA B 293 20.18 5.70 -27.09
N VAL B 294 19.53 5.73 -28.24
CA VAL B 294 20.21 6.00 -29.49
C VAL B 294 20.33 7.51 -29.68
N LEU B 295 21.55 7.95 -29.94
CA LEU B 295 21.83 9.37 -30.09
C LEU B 295 21.54 9.88 -31.49
N LYS B 296 21.29 11.20 -31.58
CA LYS B 296 20.84 11.89 -32.80
C LYS B 296 21.41 11.39 -34.12
N ASN B 297 22.73 11.36 -34.24
CA ASN B 297 23.34 11.17 -35.55
C ASN B 297 23.94 9.76 -35.72
N SER B 298 23.42 8.79 -34.96
CA SER B 298 23.91 7.42 -35.07
C SER B 298 23.57 6.98 -36.48
N LYS B 299 24.56 6.45 -37.19
CA LYS B 299 24.39 6.01 -38.57
C LYS B 299 23.75 4.62 -38.66
N HIS B 300 23.79 3.90 -37.55
CA HIS B 300 23.35 2.52 -37.55
C HIS B 300 22.40 2.22 -36.40
N PRO B 301 21.25 2.90 -36.39
CA PRO B 301 20.29 2.65 -35.32
C PRO B 301 19.75 1.22 -35.24
N LYS B 302 19.54 0.55 -36.38
CA LYS B 302 19.00 -0.81 -36.33
C LYS B 302 19.94 -1.72 -35.58
N GLU B 303 21.24 -1.64 -35.91
CA GLU B 303 22.18 -2.56 -35.29
C GLU B 303 22.50 -2.15 -33.86
N ALA B 304 22.45 -0.85 -33.61
CA ALA B 304 22.57 -0.34 -32.25
C ALA B 304 21.48 -0.98 -31.41
N MET B 305 20.26 -1.00 -31.94
CA MET B 305 19.11 -1.57 -31.21
C MET B 305 19.16 -3.11 -31.09
N GLU B 306 19.54 -3.76 -32.17
CA GLU B 306 19.82 -5.22 -32.16
C GLU B 306 20.80 -5.58 -31.04
N PHE B 307 21.99 -4.97 -31.06
CA PHE B 307 22.94 -5.19 -29.98
C PHE B 307 22.38 -4.82 -28.60
N LEU B 308 21.64 -3.71 -28.51
CA LEU B 308 21.20 -3.20 -27.23
C LEU B 308 20.14 -4.17 -26.63
N ASP B 309 19.35 -4.78 -27.47
CA ASP B 309 18.36 -5.76 -26.93
C ASP B 309 19.12 -6.93 -26.29
N TRP B 310 20.14 -7.43 -27.00
CA TRP B 310 20.94 -8.50 -26.47
C TRP B 310 21.61 -8.08 -25.16
N PHE B 311 22.37 -6.98 -25.18
CA PHE B 311 22.98 -6.49 -23.96
C PHE B 311 22.05 -6.39 -22.72
N ASN B 312 20.93 -5.67 -22.89
CA ASN B 312 19.99 -5.47 -21.82
C ASN B 312 19.21 -6.74 -21.38
N THR B 313 19.35 -7.84 -22.11
CA THR B 313 18.73 -9.12 -21.72
C THR B 313 19.78 -10.10 -21.19
N GLN B 314 21.01 -9.62 -21.01
CA GLN B 314 22.07 -10.44 -20.34
C GLN B 314 21.94 -10.38 -18.83
N VAL B 315 20.85 -10.98 -18.33
CA VAL B 315 20.39 -10.71 -16.99
C VAL B 315 21.38 -10.98 -15.85
N PRO B 316 22.00 -12.19 -15.79
CA PRO B 316 22.93 -12.37 -14.68
C PRO B 316 24.13 -11.36 -14.76
N ASP B 317 24.57 -11.02 -15.95
CA ASP B 317 25.69 -10.04 -16.16
C ASP B 317 25.26 -8.66 -15.66
N LEU B 318 24.02 -8.26 -15.97
CA LEU B 318 23.53 -6.97 -15.46
C LEU B 318 23.36 -6.99 -13.96
N VAL B 319 22.78 -8.07 -13.44
CA VAL B 319 22.70 -8.22 -11.97
C VAL B 319 24.02 -8.07 -11.26
N SER B 320 25.08 -8.69 -11.80
CA SER B 320 26.39 -8.51 -11.23
C SER B 320 26.77 -7.04 -11.04
N GLN B 321 26.28 -6.15 -11.88
CA GLN B 321 26.66 -4.72 -11.81
C GLN B 321 25.76 -3.99 -10.80
N GLY B 322 24.88 -4.77 -10.16
CA GLY B 322 23.93 -4.26 -9.18
C GLY B 322 22.59 -3.85 -9.75
N LEU B 323 22.35 -4.10 -11.05
CA LEU B 323 21.17 -3.59 -11.70
C LEU B 323 19.99 -4.49 -11.29
N VAL B 324 18.86 -3.86 -11.17
CA VAL B 324 17.55 -4.62 -11.12
C VAL B 324 17.01 -4.50 -12.56
N PRO B 325 17.26 -5.55 -13.40
CA PRO B 325 16.95 -5.36 -14.83
C PRO B 325 15.50 -5.07 -15.17
N ALA B 326 15.31 -4.27 -16.23
CA ALA B 326 13.98 -4.10 -16.82
C ALA B 326 13.63 -5.35 -17.68
N ALA B 327 14.62 -6.17 -18.06
CA ALA B 327 14.35 -7.39 -18.86
C ALA B 327 13.41 -8.36 -18.13
N THR B 328 12.53 -9.01 -18.90
CA THR B 328 11.59 -10.02 -18.34
C THR B 328 11.85 -11.41 -19.00
N THR B 329 12.96 -11.49 -19.71
CA THR B 329 13.34 -12.71 -20.45
C THR B 329 13.72 -13.85 -19.52
N GLU B 330 14.22 -13.54 -18.33
CA GLU B 330 14.53 -14.57 -17.34
C GLU B 330 14.56 -13.89 -16.00
N ASP B 331 14.35 -14.66 -14.94
CA ASP B 331 14.34 -13.97 -13.65
C ASP B 331 15.73 -13.55 -13.21
N ALA B 332 15.76 -12.51 -12.38
CA ALA B 332 16.96 -11.97 -11.78
C ALA B 332 17.28 -12.72 -10.48
N GLU B 333 18.44 -13.37 -10.42
CA GLU B 333 18.81 -14.16 -9.24
C GLU B 333 19.79 -13.40 -8.38
N THR B 334 19.67 -13.51 -7.07
CA THR B 334 20.61 -12.85 -6.18
C THR B 334 21.91 -13.67 -6.25
N PRO B 335 23.07 -13.02 -6.50
CA PRO B 335 24.33 -13.77 -6.48
C PRO B 335 24.61 -14.38 -5.11
N SER B 336 25.26 -15.56 -5.06
CA SER B 336 25.56 -16.23 -3.78
C SER B 336 26.19 -15.33 -2.77
N GLU B 337 27.14 -14.51 -3.22
CA GLU B 337 27.89 -13.67 -2.32
C GLU B 337 27.04 -12.58 -1.69
N TRP B 338 26.10 -12.06 -2.45
CA TRP B 338 25.20 -11.03 -1.94
C TRP B 338 24.26 -11.65 -0.88
N SER B 339 23.65 -12.79 -1.21
CA SER B 339 22.72 -13.40 -0.25
C SER B 339 23.45 -13.69 1.06
N THR B 340 24.65 -14.30 0.98
CA THR B 340 25.51 -14.47 2.16
C THR B 340 25.70 -13.22 3.01
N PHE B 341 26.05 -12.10 2.38
CA PHE B 341 26.27 -10.86 3.08
C PHE B 341 24.96 -10.44 3.76
N PHE B 342 23.86 -10.66 3.05
CA PHE B 342 22.55 -10.27 3.57
C PHE B 342 21.84 -11.41 4.33
N GLY B 343 22.61 -12.20 5.09
CA GLY B 343 22.03 -13.30 5.89
C GLY B 343 21.30 -14.46 5.21
N GLY B 344 21.49 -14.64 3.91
CA GLY B 344 20.85 -15.73 3.20
C GLY B 344 19.63 -15.28 2.42
N GLN B 345 19.24 -14.03 2.67
CA GLN B 345 18.15 -13.37 1.96
C GLN B 345 18.32 -13.25 0.46
N ASP B 346 17.30 -13.70 -0.24
CA ASP B 346 17.11 -13.42 -1.64
C ASP B 346 16.66 -11.93 -1.78
N ILE B 347 17.62 -11.04 -1.96
CA ILE B 347 17.29 -9.59 -1.92
C ILE B 347 16.60 -9.11 -3.18
N MET B 348 16.90 -9.80 -4.28
CA MET B 348 16.31 -9.50 -5.57
C MET B 348 14.79 -9.63 -5.51
N LYS B 349 14.29 -10.45 -4.59
CA LYS B 349 12.86 -10.57 -4.41
C LYS B 349 12.24 -9.35 -3.72
N GLU B 350 12.96 -8.75 -2.77
CA GLU B 350 12.53 -7.49 -2.19
C GLU B 350 12.56 -6.38 -3.23
N PHE B 351 13.61 -6.35 -4.07
CA PHE B 351 13.73 -5.37 -5.17
C PHE B 351 12.59 -5.45 -6.22
N LYS B 352 12.27 -6.67 -6.68
CA LYS B 352 11.09 -6.84 -7.52
C LYS B 352 9.77 -6.41 -6.82
N THR B 353 9.60 -6.73 -5.54
CA THR B 353 8.43 -6.26 -4.79
C THR B 353 8.37 -4.72 -4.69
N ALA B 354 9.54 -4.10 -4.51
CA ALA B 354 9.61 -2.65 -4.39
C ALA B 354 9.23 -2.07 -5.75
N ASN B 355 9.82 -2.65 -6.78
CA ASN B 355 9.41 -2.32 -8.13
C ASN B 355 7.89 -2.28 -8.37
N ASN B 356 7.20 -3.34 -7.95
CA ASN B 356 5.74 -3.40 -8.08
C ASN B 356 4.99 -2.34 -7.27
N ASN B 357 5.64 -1.81 -6.24
CA ASN B 357 5.07 -0.78 -5.37
C ASN B 357 5.61 0.61 -5.57
N MET B 358 6.33 0.79 -6.66
CA MET B 358 7.01 2.04 -6.98
C MET B 358 6.12 2.99 -7.78
N GLY B 359 5.92 4.19 -7.23
CA GLY B 359 5.07 5.19 -7.87
C GLY B 359 5.67 5.75 -9.16
N ASP B 360 4.82 6.06 -10.13
CA ASP B 360 5.30 6.73 -11.36
C ASP B 360 5.65 8.19 -11.04
N PHE B 361 6.65 8.72 -11.73
CA PHE B 361 7.04 10.10 -11.52
C PHE B 361 7.50 10.69 -12.84
N THR B 362 6.77 11.71 -13.30
CA THR B 362 7.19 12.48 -14.48
C THR B 362 8.32 13.48 -14.10
N TYR B 363 9.42 13.45 -14.85
CA TYR B 363 10.50 14.42 -14.65
C TYR B 363 10.47 15.51 -15.71
N MET B 364 10.56 16.76 -15.29
CA MET B 364 10.56 17.88 -16.23
C MET B 364 11.89 17.92 -17.04
N PRO B 365 11.84 18.45 -18.26
CA PRO B 365 13.11 18.67 -18.91
C PRO B 365 13.92 19.70 -18.11
N GLY B 366 15.19 19.43 -17.89
CA GLY B 366 16.03 20.33 -17.08
C GLY B 366 16.03 20.00 -15.60
N PHE B 367 15.39 18.88 -15.24
CA PHE B 367 15.45 18.37 -13.88
C PHE B 367 16.90 18.23 -13.32
N SER B 368 17.90 18.10 -14.18
CA SER B 368 19.28 18.09 -13.70
C SER B 368 19.56 19.32 -12.79
N ALA B 369 19.07 20.48 -13.20
CA ALA B 369 19.22 21.74 -12.42
C ALA B 369 18.50 21.67 -11.07
N VAL B 370 17.34 21.03 -11.05
CA VAL B 370 16.56 20.91 -9.85
C VAL B 370 17.28 19.98 -8.88
N ALA B 371 17.74 18.84 -9.40
CA ALA B 371 18.45 17.88 -8.52
C ALA B 371 19.74 18.51 -7.94
N ALA B 372 20.44 19.28 -8.78
CA ALA B 372 21.68 19.93 -8.37
C ALA B 372 21.39 20.92 -7.23
N LYS B 373 20.33 21.72 -7.40
CA LYS B 373 19.94 22.69 -6.39
C LYS B 373 19.56 21.99 -5.10
N MET B 374 18.81 20.89 -5.20
CA MET B 374 18.41 20.11 -4.02
C MET B 374 19.59 19.66 -3.22
N ASN B 375 20.62 19.15 -3.92
CA ASN B 375 21.86 18.74 -3.30
C ASN B 375 22.49 19.90 -2.52
N GLU B 376 22.64 21.04 -3.17
CA GLU B 376 23.24 22.23 -2.50
C GLU B 376 22.47 22.65 -1.25
N THR B 377 21.16 22.85 -1.38
CA THR B 377 20.30 23.19 -0.25
C THR B 377 20.30 22.14 0.85
N ALA B 378 20.31 20.86 0.49
CA ALA B 378 20.37 19.80 1.50
C ALA B 378 21.60 19.87 2.39
N ALA B 379 22.73 20.29 1.83
CA ALA B 379 24.01 20.38 2.55
C ALA B 379 23.92 21.41 3.67
N LYS B 380 23.18 22.48 3.41
CA LYS B 380 22.91 23.57 4.35
C LYS B 380 22.15 23.17 5.63
N ALA B 381 21.35 22.09 5.59
CA ALA B 381 20.65 21.65 6.81
C ALA B 381 21.54 20.99 7.87
N THR B 382 22.77 20.62 7.49
CA THR B 382 23.69 19.88 8.37
C THR B 382 24.27 20.71 9.53
N GLY B 386 20.46 25.94 7.03
CA GLY B 386 19.03 26.02 6.75
C GLY B 386 18.23 24.85 7.29
N LYS B 387 17.05 24.67 6.73
CA LYS B 387 16.07 23.67 7.13
C LYS B 387 15.89 22.63 6.00
N VAL B 388 15.46 21.42 6.35
CA VAL B 388 15.20 20.38 5.34
C VAL B 388 14.13 20.81 4.31
N ALA B 389 13.10 21.49 4.82
CA ALA B 389 12.01 21.98 3.98
C ALA B 389 12.45 22.93 2.87
N ASP B 390 13.56 23.63 3.06
CA ASP B 390 14.12 24.54 2.07
C ASP B 390 14.50 23.81 0.77
N ILE B 391 14.87 22.54 0.87
CA ILE B 391 15.13 21.70 -0.31
C ILE B 391 13.99 21.84 -1.31
N PHE B 392 12.77 21.74 -0.80
CA PHE B 392 11.59 21.69 -1.65
C PHE B 392 11.15 23.07 -2.15
N SER B 393 11.38 24.11 -1.34
CA SER B 393 11.08 25.47 -1.80
C SER B 393 12.13 25.96 -2.81
N ASP B 394 13.40 25.61 -2.63
CA ASP B 394 14.38 25.85 -3.68
C ASP B 394 14.11 25.04 -4.95
N ALA B 395 13.66 23.79 -4.77
CA ALA B 395 13.31 22.93 -5.91
C ALA B 395 12.20 23.57 -6.75
N GLN B 396 11.19 24.12 -6.07
CA GLN B 396 10.14 24.87 -6.76
C GLN B 396 10.69 26.02 -7.61
N THR B 397 11.46 26.91 -6.99
CA THR B 397 11.97 28.05 -7.75
C THR B 397 12.96 27.63 -8.84
N THR B 398 13.86 26.70 -8.53
CA THR B 398 14.72 26.17 -9.58
C THR B 398 13.91 25.52 -10.74
N SER B 399 12.85 24.79 -10.42
CA SER B 399 12.02 24.14 -11.45
C SER B 399 11.43 25.16 -12.43
N VAL B 400 10.76 26.17 -11.87
CA VAL B 400 10.09 27.21 -12.67
C VAL B 400 11.14 28.00 -13.50
N ASP B 401 12.24 28.39 -12.87
CA ASP B 401 13.31 29.12 -13.55
C ASP B 401 13.95 28.33 -14.69
N THR B 402 14.24 27.06 -14.43
CA THR B 402 14.85 26.21 -15.46
C THR B 402 13.93 26.01 -16.68
N LEU B 403 12.66 25.71 -16.45
CA LEU B 403 11.70 25.53 -17.54
C LEU B 403 11.66 26.76 -18.44
N LYS B 404 11.76 27.94 -17.82
CA LYS B 404 11.78 29.19 -18.55
C LYS B 404 13.13 29.44 -19.25
N ASN B 405 14.24 29.02 -18.64
CA ASN B 405 15.54 28.96 -19.33
C ASN B 405 15.50 28.04 -20.55
N PHE B 406 14.73 26.96 -20.46
CA PHE B 406 14.55 26.00 -21.57
C PHE B 406 13.61 26.56 -22.65
N GLY B 407 12.93 27.67 -22.32
CA GLY B 407 11.98 28.32 -23.22
C GLY B 407 10.62 27.62 -23.21
N LEU B 408 10.25 27.09 -22.05
CA LEU B 408 9.01 26.32 -21.90
C LEU B 408 8.05 27.03 -20.97
N SER B 409 6.76 26.86 -21.24
CA SER B 409 5.71 27.56 -20.51
C SER B 409 5.39 26.87 -19.17
N VAL B 410 5.17 27.68 -18.12
CA VAL B 410 4.74 27.24 -16.80
C VAL B 410 3.39 27.85 -16.42
N SER B 411 2.42 27.02 -16.06
CA SER B 411 1.16 27.50 -15.46
C SER B 411 0.94 26.89 -14.08
C1 NAG C . -22.78 -3.26 14.12
C2 NAG C . -22.59 -4.61 13.43
C3 NAG C . -23.28 -4.59 12.06
C4 NAG C . -24.76 -4.13 12.16
C5 NAG C . -24.82 -2.84 13.01
C6 NAG C . -26.24 -2.30 13.24
C7 NAG C . -20.70 -6.16 13.63
C8 NAG C . -19.21 -6.39 13.47
N2 NAG C . -21.16 -4.94 13.33
O1 NAG C . -22.26 -3.37 15.41
O3 NAG C . -23.22 -5.91 11.53
O4 NAG C . -25.19 -3.83 10.87
O5 NAG C . -24.18 -3.09 14.27
O6 NAG C . -27.06 -3.29 13.87
O7 NAG C . -21.45 -7.06 14.03
C1 GAL C . -22.98 -5.93 10.10
C2 GAL C . -22.22 -7.22 9.72
C3 GAL C . -22.19 -7.38 8.19
C4 GAL C . -23.58 -7.32 7.62
C5 GAL C . -24.26 -5.98 8.05
C6 GAL C . -25.70 -5.95 7.63
O2 GAL C . -20.91 -7.20 10.17
O3 GAL C . -21.49 -8.56 7.81
O4 GAL C . -24.32 -8.46 8.05
O5 GAL C . -24.23 -5.90 9.50
O6 GAL C . -26.22 -4.62 7.74
C1 NAG D . 24.36 8.53 -8.26
C2 NAG D . 23.72 8.04 -9.58
C3 NAG D . 23.93 6.54 -9.74
C4 NAG D . 25.46 6.25 -9.56
C5 NAG D . 26.02 6.91 -8.27
C6 NAG D . 27.51 6.66 -8.07
C7 NAG D . 21.72 8.88 -10.78
C8 NAG D . 20.25 9.18 -10.69
N2 NAG D . 22.27 8.32 -9.70
O1 NAG D . 24.24 9.93 -8.18
O3 NAG D . 23.43 6.18 -11.05
O4 NAG D . 25.75 4.87 -9.43
O5 NAG D . 25.76 8.31 -8.30
O6 NAG D . 28.27 7.26 -9.10
O7 NAG D . 22.33 9.17 -11.79
C1 GAL D . 22.86 4.85 -11.00
C2 GAL D . 21.74 4.73 -12.03
C3 GAL D . 21.28 3.26 -12.16
C4 GAL D . 22.54 2.34 -12.37
C5 GAL D . 23.64 2.58 -11.35
C6 GAL D . 24.92 1.69 -11.53
O2 GAL D . 20.65 5.61 -11.73
O3 GAL D . 20.55 3.16 -13.34
O4 GAL D . 23.08 2.55 -13.65
O5 GAL D . 23.97 3.95 -11.35
O6 GAL D . 25.56 1.66 -10.28
ZN ZN E . -30.84 -34.11 5.97
ZN ZN F . -35.64 -29.48 -4.28
O1 MES G . -21.47 -25.49 -6.77
C2 MES G . -22.70 -24.84 -6.46
C3 MES G . -23.46 -24.39 -7.69
N4 MES G . -22.53 -23.68 -8.55
C5 MES G . -21.21 -24.24 -8.85
C6 MES G . -20.55 -24.73 -7.54
C7 MES G . -22.96 -22.41 -9.15
C8 MES G . -21.75 -21.93 -9.94
S MES G . -22.16 -21.21 -11.39
O1S MES G . -23.07 -20.07 -11.12
O2S MES G . -20.88 -20.74 -11.99
O3S MES G . -22.79 -22.18 -12.33
ZN ZN H . 23.31 -0.16 -40.19
ZN ZN I . 25.91 -11.40 -36.40
ZN ZN J . 14.42 -17.78 -10.03
ZN ZN K . 16.40 -17.95 -12.83
ZN ZN L . 4.18 14.69 12.90
O1 MES M . 13.31 -9.99 -29.65
C2 MES M . 14.57 -10.58 -29.27
C3 MES M . 14.50 -11.73 -28.26
N4 MES M . 13.14 -12.24 -28.07
C5 MES M . 11.89 -11.50 -28.37
C6 MES M . 12.21 -10.06 -28.74
C7 MES M . 12.99 -13.59 -27.58
C8 MES M . 13.56 -13.67 -26.17
S MES M . 13.18 -15.10 -25.38
O1S MES M . 11.86 -14.97 -24.69
O2S MES M . 13.10 -16.23 -26.37
O3S MES M . 14.27 -15.28 -24.38
#